data_8F7S
#
_entry.id   8F7S
#
_cell.length_a   1.00
_cell.length_b   1.00
_cell.length_c   1.00
_cell.angle_alpha   90.00
_cell.angle_beta   90.00
_cell.angle_gamma   90.00
#
_symmetry.space_group_name_H-M   'P 1'
#
loop_
_entity.id
_entity.type
_entity.pdbx_description
1 polymer 'Delta-type opioid receptor'
2 polymer deltorphin
3 polymer 'Guanine nucleotide-binding protein G(i) subunit alpha-1'
4 polymer 'Guanine nucleotide-binding protein G(I)/G(S)/G(T) subunit beta-1'
5 polymer 'Guanine nucleotide-binding protein G(I)/G(S)/G(O) subunit gamma-2'
6 non-polymer CHOLESTEROL
7 non-polymer 'PALMITIC ACID'
#
loop_
_entity_poly.entity_id
_entity_poly.type
_entity_poly.pdbx_seq_one_letter_code
_entity_poly.pdbx_strand_id
1 'polypeptide(L)'
;DYKDDDDVDASEPAPSAGAELQPPLFANASDAYPSACPSAGANASGPPGARSASSLALAIAITALYSAVCAVGLLGNVLV
MFVIVRYTKMKTATNIYIFSLALAGALATSTLPFQSAKYLMETWPFGELLCKAVLSIDYYSMFTSIFTLTMMCVDRYIAV
CHPVKALDFRTPAKAKLINICIWVLASGVGVPIMVMAVTRPRDGAVVCMLQFPSPSWYWDTVTKICVFLFAFVVPILIIT
VCYGLMLLRLRSVRLLSGSKEKDRSLRRITRMVLVVVVAFVVCWAPIHIFVIVWTLVDIDRRDPLVVAALHLCIALGYIN
SSLNPVLYAFLDENFKRCFRQLCRKPCGRPDPSSFSRAREATARERVTACTPSDGPGGGAAAHHHHHHHH
;
R,D
2 'polypeptide(L)' Y(DAL)FEVVG(NH2) P,Q
3 'polypeptide(L)'
;MGCTLSAEDKAAVERSKMIDRNLREDGEKAAREVKLLLLGAGESGKSTIVKQMKIIHEAGYSEEECKQYKAVVYSNTIQS
IIAIIRAMGRLKIDFGDSARADDARQLFVLAGAAEEGFMTAELAGVIKRLWKDSGVQACFNRSREYQLNDSAAYYLNDLD
RIAQPNYIPTQQDVLRTRVKTTGIVETHFTFKDLHFKMFDVGAQRSERKKWIHCFEGVTAIIFCVALSDYDLVLAEDEEM
NRMHESMKLFDSICNNKWFTDTSIILFLNKKDLFEEKIKKSPLTICYPEYAGSNTYEEAAAYIQCQFEDLNKRKDTKEIY
THFTCSTDTKNVQFVFDAVTDVIIKNNLKDCGLF
;
A,F
4 'polypeptide(L)'
;MHHHHHHHHGSLLQSELDQLRQEAEQLKNQIRDARKACADATLSQITNNIDPVGRIQMRTRRTLRGHLAKIYAMHWGTDS
RLLVSASQDGKLIIWDSYTTNKVHAIPLRSSWVMTCAYAPSGNYVACGGLDNICSIYNLKTREGNVRVSRELAGHTGYLS
CCRFLDDNQIVTSSGDTTCALWDIETGQQTTTFTGHTGDVMSLSLAPDTRLFVSGACDASAKLWDVREGMCRQTFTGHES
DINAICFFPNGNAFATGSDDATCRLFDLRADQELMTYSHDNIICGITSVSFSKSGRLLLAGYDDFNCNVWDALKADRAGV
LAGHDNRVSCLGVTDDGMAVATGSWDSFLKIWN
;
B
5 'polypeptide(L)' MASNNTASIAQARKLVEQLKMEANIDRIKVSKAAADLMAYCEAHAKEDPLLTPVPASENPFREKKFFC C
#
# COMPACT_ATOMS: atom_id res chain seq x y z
N SER A 55 6.52 7.72 -49.60
CA SER A 55 7.39 6.56 -49.55
C SER A 55 8.60 6.80 -48.65
N LEU A 56 9.42 7.79 -49.02
CA LEU A 56 10.59 8.13 -48.22
C LEU A 56 10.18 8.74 -46.88
N ALA A 57 9.16 9.61 -46.91
CA ALA A 57 8.67 10.24 -45.68
C ALA A 57 8.06 9.20 -44.74
N LEU A 58 7.40 8.18 -45.30
CA LEU A 58 6.84 7.10 -44.50
C LEU A 58 7.95 6.37 -43.73
N ALA A 59 9.04 6.05 -44.43
CA ALA A 59 10.20 5.39 -43.84
C ALA A 59 10.82 6.21 -42.71
N ILE A 60 11.08 7.50 -42.97
CA ILE A 60 11.68 8.34 -41.93
C ILE A 60 10.72 8.55 -40.76
N ALA A 61 9.41 8.63 -41.01
CA ALA A 61 8.43 8.77 -39.93
C ALA A 61 8.38 7.53 -39.04
N ILE A 62 8.39 6.34 -39.66
CA ILE A 62 8.39 5.09 -38.88
C ILE A 62 9.69 4.95 -38.09
N THR A 63 10.83 5.31 -38.70
CA THR A 63 12.10 5.26 -37.99
C THR A 63 12.13 6.23 -36.81
N ALA A 64 11.57 7.43 -36.99
CA ALA A 64 11.47 8.40 -35.91
C ALA A 64 10.55 7.89 -34.79
N LEU A 65 9.46 7.22 -35.16
CA LEU A 65 8.55 6.64 -34.17
C LEU A 65 9.24 5.57 -33.33
N TYR A 66 9.98 4.67 -33.99
CA TYR A 66 10.72 3.63 -33.26
C TYR A 66 11.80 4.24 -32.37
N SER A 67 12.53 5.25 -32.87
CA SER A 67 13.58 5.89 -32.09
C SER A 67 13.02 6.62 -30.87
N ALA A 68 11.88 7.31 -31.04
CA ALA A 68 11.25 8.02 -29.93
C ALA A 68 10.73 7.05 -28.88
N VAL A 69 10.06 5.97 -29.30
CA VAL A 69 9.54 4.99 -28.35
C VAL A 69 10.69 4.31 -27.59
N CYS A 70 11.78 3.96 -28.30
CA CYS A 70 12.94 3.34 -27.67
C CYS A 70 13.61 4.27 -26.66
N ALA A 71 13.84 5.52 -27.05
CA ALA A 71 14.51 6.49 -26.18
C ALA A 71 13.70 6.79 -24.93
N VAL A 72 12.41 7.15 -25.10
CA VAL A 72 11.56 7.48 -23.96
C VAL A 72 11.36 6.26 -23.06
N GLY A 73 11.21 5.07 -23.66
CA GLY A 73 11.04 3.86 -22.86
C GLY A 73 12.26 3.51 -22.02
N LEU A 74 13.46 3.59 -22.63
CA LEU A 74 14.69 3.30 -21.89
C LEU A 74 14.92 4.31 -20.77
N LEU A 75 14.78 5.61 -21.08
CA LEU A 75 15.00 6.64 -20.07
C LEU A 75 13.98 6.55 -18.94
N GLY A 76 12.71 6.33 -19.27
CA GLY A 76 11.68 6.22 -18.24
C GLY A 76 11.85 5.00 -17.36
N ASN A 77 12.17 3.85 -17.96
CA ASN A 77 12.37 2.63 -17.17
C ASN A 77 13.58 2.73 -16.25
N VAL A 78 14.68 3.31 -16.74
CA VAL A 78 15.88 3.51 -15.91
C VAL A 78 15.59 4.48 -14.76
N LEU A 79 14.84 5.57 -15.04
CA LEU A 79 14.49 6.51 -13.98
C LEU A 79 13.55 5.89 -12.94
N VAL A 80 12.57 5.09 -13.38
CA VAL A 80 11.64 4.44 -12.44
C VAL A 80 12.39 3.45 -11.55
N MET A 81 13.27 2.63 -12.14
CA MET A 81 14.05 1.69 -11.36
C MET A 81 15.00 2.40 -10.40
N PHE A 82 15.60 3.52 -10.83
CA PHE A 82 16.51 4.29 -9.99
C PHE A 82 15.77 4.88 -8.78
N VAL A 83 14.60 5.48 -9.00
CA VAL A 83 13.83 6.06 -7.89
C VAL A 83 13.35 4.95 -6.94
N ILE A 84 12.96 3.80 -7.48
CA ILE A 84 12.50 2.68 -6.63
C ILE A 84 13.64 2.16 -5.74
N VAL A 85 14.82 1.94 -6.32
CA VAL A 85 15.93 1.40 -5.53
C VAL A 85 16.46 2.44 -4.55
N ARG A 86 16.66 3.67 -5.02
CA ARG A 86 17.31 4.70 -4.21
C ARG A 86 16.42 5.20 -3.07
N TYR A 87 15.14 5.44 -3.35
CA TYR A 87 14.25 6.10 -2.39
C TYR A 87 13.28 5.15 -1.69
N THR A 88 12.55 4.35 -2.46
CA THR A 88 11.55 3.46 -1.89
C THR A 88 12.18 2.32 -1.06
N LYS A 89 13.30 1.77 -1.55
CA LYS A 89 14.09 0.68 -0.95
C LYS A 89 13.34 -0.66 -0.96
N MET A 90 12.31 -0.77 -1.80
CA MET A 90 11.57 -2.01 -2.07
C MET A 90 10.84 -2.57 -0.86
N LYS A 91 10.43 -1.69 0.07
CA LYS A 91 9.69 -2.12 1.24
C LYS A 91 8.31 -2.65 0.83
N THR A 92 7.56 -1.86 0.06
CA THR A 92 6.25 -2.27 -0.42
C THR A 92 6.39 -3.35 -1.48
N ALA A 93 5.51 -4.38 -1.39
CA ALA A 93 5.49 -5.44 -2.40
C ALA A 93 5.05 -4.90 -3.77
N THR A 94 4.13 -3.94 -3.78
CA THR A 94 3.64 -3.36 -5.03
C THR A 94 4.76 -2.67 -5.79
N ASN A 95 5.64 -1.97 -5.08
CA ASN A 95 6.81 -1.36 -5.71
C ASN A 95 7.80 -2.40 -6.22
N ILE A 96 7.87 -3.57 -5.57
CA ILE A 96 8.66 -4.68 -6.11
C ILE A 96 8.07 -5.15 -7.44
N TYR A 97 6.74 -5.24 -7.54
CA TYR A 97 6.10 -5.60 -8.81
C TYR A 97 6.34 -4.54 -9.87
N ILE A 98 6.32 -3.26 -9.48
CA ILE A 98 6.57 -2.17 -10.42
C ILE A 98 8.03 -2.21 -10.90
N PHE A 99 8.97 -2.55 -10.00
CA PHE A 99 10.37 -2.70 -10.38
C PHE A 99 10.56 -3.84 -11.38
N SER A 100 9.92 -4.99 -11.13
CA SER A 100 10.02 -6.11 -12.06
C SER A 100 9.40 -5.77 -13.42
N LEU A 101 8.28 -5.06 -13.40
CA LEU A 101 7.62 -4.65 -14.64
C LEU A 101 8.46 -3.66 -15.43
N ALA A 102 9.09 -2.70 -14.73
CA ALA A 102 9.99 -1.75 -15.38
C ALA A 102 11.23 -2.43 -15.95
N LEU A 103 11.76 -3.43 -15.24
CA LEU A 103 12.91 -4.18 -15.76
C LEU A 103 12.54 -4.96 -17.02
N ALA A 104 11.36 -5.59 -17.02
CA ALA A 104 10.88 -6.28 -18.22
C ALA A 104 10.62 -5.31 -19.36
N GLY A 105 10.11 -4.11 -19.04
CA GLY A 105 9.90 -3.09 -20.06
C GLY A 105 11.20 -2.59 -20.68
N ALA A 106 12.23 -2.40 -19.86
CA ALA A 106 13.54 -2.00 -20.38
C ALA A 106 14.16 -3.09 -21.24
N LEU A 107 14.00 -4.36 -20.82
CA LEU A 107 14.49 -5.48 -21.62
C LEU A 107 13.78 -5.57 -22.96
N ALA A 108 12.47 -5.31 -22.98
CA ALA A 108 11.73 -5.26 -24.24
C ALA A 108 12.16 -4.06 -25.09
N THR A 109 12.41 -2.92 -24.46
CA THR A 109 12.76 -1.69 -25.16
C THR A 109 14.12 -1.79 -25.84
N SER A 110 15.06 -2.54 -25.24
CA SER A 110 16.40 -2.70 -25.80
C SER A 110 16.42 -3.33 -27.20
N THR A 111 15.40 -4.12 -27.54
CA THR A 111 15.35 -4.82 -28.82
C THR A 111 15.17 -3.86 -30.01
N LEU A 112 14.54 -2.71 -29.79
CA LEU A 112 14.09 -1.83 -30.88
C LEU A 112 15.13 -1.28 -31.86
N PRO A 113 16.38 -0.89 -31.48
CA PRO A 113 17.32 -0.39 -32.51
C PRO A 113 17.68 -1.39 -33.60
N PHE A 114 17.78 -2.68 -33.27
CA PHE A 114 18.03 -3.69 -34.29
C PHE A 114 16.87 -3.79 -35.28
N GLN A 115 15.64 -3.68 -34.78
CA GLN A 115 14.46 -3.69 -35.63
C GLN A 115 14.43 -2.47 -36.56
N SER A 116 14.76 -1.29 -36.02
CA SER A 116 14.81 -0.09 -36.85
C SER A 116 15.93 -0.17 -37.90
N ALA A 117 17.08 -0.74 -37.51
CA ALA A 117 18.18 -0.93 -38.45
C ALA A 117 17.82 -1.91 -39.56
N LYS A 118 17.09 -2.98 -39.22
CA LYS A 118 16.61 -3.90 -40.25
C LYS A 118 15.60 -3.23 -41.17
N TYR A 119 14.73 -2.37 -40.61
CA TYR A 119 13.77 -1.65 -41.44
C TYR A 119 14.44 -0.70 -42.42
N LEU A 120 15.50 -0.02 -41.98
CA LEU A 120 16.19 0.90 -42.88
C LEU A 120 17.07 0.18 -43.89
N MET A 121 17.84 -0.82 -43.44
CA MET A 121 18.75 -1.54 -44.34
C MET A 121 18.01 -2.40 -45.35
N GLU A 122 16.84 -2.95 -44.96
CA GLU A 122 15.92 -3.84 -45.70
C GLU A 122 16.54 -5.24 -45.75
N THR A 123 17.56 -5.49 -44.93
CA THR A 123 18.19 -6.80 -44.84
C THR A 123 18.77 -6.96 -43.45
N TRP A 124 19.06 -8.21 -43.08
CA TRP A 124 19.61 -8.53 -41.77
C TRP A 124 21.08 -8.93 -41.89
N PRO A 125 22.03 -8.07 -41.53
CA PRO A 125 23.44 -8.46 -41.54
C PRO A 125 24.00 -8.91 -40.20
N PHE A 126 23.18 -9.01 -39.16
CA PHE A 126 23.67 -9.21 -37.80
C PHE A 126 24.00 -10.67 -37.48
N GLY A 127 23.46 -11.62 -38.22
CA GLY A 127 23.82 -13.01 -37.99
C GLY A 127 22.79 -13.79 -37.20
N GLU A 128 22.93 -15.12 -37.28
CA GLU A 128 21.95 -16.07 -36.74
C GLU A 128 21.87 -16.00 -35.22
N LEU A 129 23.01 -15.91 -34.53
CA LEU A 129 23.03 -15.89 -33.07
C LEU A 129 22.33 -14.65 -32.52
N LEU A 130 22.59 -13.49 -33.12
CA LEU A 130 21.91 -12.28 -32.67
C LEU A 130 20.44 -12.29 -33.07
N CYS A 131 20.09 -12.93 -34.19
CA CYS A 131 18.68 -13.16 -34.54
C CYS A 131 17.96 -13.97 -33.47
N LYS A 132 18.60 -15.05 -33.00
CA LYS A 132 18.07 -15.87 -31.91
C LYS A 132 17.92 -15.06 -30.63
N ALA A 133 18.93 -14.23 -30.32
CA ALA A 133 18.90 -13.40 -29.13
C ALA A 133 17.76 -12.39 -29.17
N VAL A 134 17.55 -11.77 -30.35
CA VAL A 134 16.49 -10.76 -30.51
C VAL A 134 15.12 -11.38 -30.32
N LEU A 135 14.86 -12.52 -30.97
CA LEU A 135 13.55 -13.15 -30.86
C LEU A 135 13.29 -13.69 -29.45
N SER A 136 14.32 -14.29 -28.83
CA SER A 136 14.17 -14.82 -27.47
C SER A 136 13.90 -13.72 -26.46
N ILE A 137 14.64 -12.60 -26.55
CA ILE A 137 14.45 -11.48 -25.63
C ILE A 137 13.07 -10.85 -25.83
N ASP A 138 12.60 -10.76 -27.08
CA ASP A 138 11.29 -10.18 -27.36
C ASP A 138 10.16 -10.99 -26.74
N TYR A 139 10.13 -12.31 -26.99
CA TYR A 139 9.07 -13.16 -26.43
C TYR A 139 9.16 -13.26 -24.92
N TYR A 140 10.39 -13.38 -24.38
CA TYR A 140 10.61 -13.49 -22.95
C TYR A 140 10.12 -12.24 -22.22
N SER A 141 10.49 -11.06 -22.74
CA SER A 141 10.08 -9.80 -22.12
C SER A 141 8.57 -9.58 -22.22
N MET A 142 7.95 -9.96 -23.35
CA MET A 142 6.50 -9.80 -23.50
C MET A 142 5.73 -10.64 -22.49
N PHE A 143 6.07 -11.93 -22.38
CA PHE A 143 5.38 -12.79 -21.43
C PHE A 143 5.66 -12.39 -19.97
N THR A 144 6.89 -11.94 -19.69
CA THR A 144 7.23 -11.48 -18.34
C THR A 144 6.41 -10.26 -17.95
N SER A 145 6.26 -9.29 -18.87
CA SER A 145 5.49 -8.08 -18.59
C SER A 145 4.02 -8.39 -18.37
N ILE A 146 3.43 -9.25 -19.22
CA ILE A 146 2.01 -9.57 -19.10
C ILE A 146 1.72 -10.34 -17.82
N PHE A 147 2.57 -11.32 -17.48
CA PHE A 147 2.38 -12.09 -16.25
C PHE A 147 2.59 -11.23 -15.00
N THR A 148 3.54 -10.29 -15.05
CA THR A 148 3.76 -9.40 -13.91
C THR A 148 2.55 -8.48 -13.69
N LEU A 149 1.98 -7.95 -14.77
CA LEU A 149 0.78 -7.11 -14.64
C LEU A 149 -0.41 -7.90 -14.09
N THR A 150 -0.57 -9.15 -14.56
CA THR A 150 -1.65 -9.99 -14.07
C THR A 150 -1.51 -10.30 -12.58
N MET A 151 -0.28 -10.64 -12.15
CA MET A 151 -0.06 -10.88 -10.72
C MET A 151 -0.21 -9.62 -9.88
N MET A 152 0.07 -8.45 -10.46
CA MET A 152 -0.14 -7.18 -9.74
C MET A 152 -1.63 -6.97 -9.48
N CYS A 153 -2.46 -7.26 -10.48
CA CYS A 153 -3.91 -7.12 -10.32
C CYS A 153 -4.45 -8.15 -9.34
N VAL A 154 -3.91 -9.38 -9.37
CA VAL A 154 -4.30 -10.41 -8.39
C VAL A 154 -3.93 -9.98 -6.98
N ASP A 155 -2.76 -9.35 -6.82
CA ASP A 155 -2.33 -8.85 -5.52
C ASP A 155 -3.26 -7.76 -5.00
N ARG A 156 -3.71 -6.86 -5.87
CA ARG A 156 -4.69 -5.84 -5.47
C ARG A 156 -6.03 -6.47 -5.08
N TYR A 157 -6.46 -7.50 -5.82
CA TYR A 157 -7.68 -8.24 -5.48
C TYR A 157 -7.60 -8.89 -4.10
N ILE A 158 -6.48 -9.56 -3.81
CA ILE A 158 -6.30 -10.21 -2.53
C ILE A 158 -6.19 -9.18 -1.41
N ALA A 159 -5.58 -8.03 -1.70
CA ALA A 159 -5.48 -6.96 -0.71
C ALA A 159 -6.85 -6.40 -0.32
N VAL A 160 -7.70 -6.10 -1.31
CA VAL A 160 -8.98 -5.48 -1.01
C VAL A 160 -9.99 -6.50 -0.52
N CYS A 161 -10.24 -7.56 -1.30
CA CYS A 161 -11.36 -8.45 -1.02
C CYS A 161 -11.11 -9.41 0.15
N HIS A 162 -9.85 -9.83 0.37
CA HIS A 162 -9.52 -10.78 1.43
C HIS A 162 -8.50 -10.15 2.37
N PRO A 163 -8.93 -9.24 3.26
CA PRO A 163 -7.96 -8.53 4.12
C PRO A 163 -7.30 -9.41 5.17
N VAL A 164 -8.04 -10.35 5.77
CA VAL A 164 -7.46 -11.26 6.75
C VAL A 164 -6.43 -12.17 6.10
N LYS A 165 -6.75 -12.71 4.92
CA LYS A 165 -5.79 -13.52 4.17
C LYS A 165 -4.60 -12.70 3.68
N ALA A 166 -4.81 -11.40 3.42
CA ALA A 166 -3.75 -10.53 2.92
C ALA A 166 -2.57 -10.42 3.87
N LEU A 167 -2.82 -10.52 5.19
CA LEU A 167 -1.74 -10.48 6.17
C LEU A 167 -0.77 -11.64 5.97
N ASP A 168 -1.29 -12.84 5.72
CA ASP A 168 -0.43 -13.98 5.42
C ASP A 168 0.16 -13.87 4.02
N PHE A 169 -0.67 -13.53 3.03
CA PHE A 169 -0.23 -13.61 1.64
C PHE A 169 0.76 -12.50 1.26
N ARG A 170 0.51 -11.27 1.71
CA ARG A 170 1.28 -10.13 1.22
C ARG A 170 2.45 -9.86 2.17
N THR A 171 3.65 -10.19 1.71
CA THR A 171 4.94 -9.96 2.35
C THR A 171 5.93 -9.70 1.23
N PRO A 172 7.01 -8.94 1.49
CA PRO A 172 8.01 -8.72 0.43
C PRO A 172 8.71 -9.99 -0.04
N ALA A 173 8.98 -10.93 0.88
CA ALA A 173 9.67 -12.17 0.51
C ALA A 173 8.84 -13.03 -0.42
N LYS A 174 7.53 -13.17 -0.15
CA LYS A 174 6.66 -13.95 -1.01
C LYS A 174 6.46 -13.28 -2.37
N ALA A 175 6.39 -11.94 -2.38
CA ALA A 175 6.28 -11.21 -3.65
C ALA A 175 7.54 -11.40 -4.50
N LYS A 176 8.72 -11.35 -3.86
CA LYS A 176 9.96 -11.63 -4.57
C LYS A 176 10.01 -13.06 -5.07
N LEU A 177 9.50 -14.01 -4.28
CA LEU A 177 9.46 -15.41 -4.71
C LEU A 177 8.55 -15.60 -5.92
N ILE A 178 7.38 -14.94 -5.93
CA ILE A 178 6.45 -15.02 -7.05
C ILE A 178 7.06 -14.38 -8.30
N ASN A 179 7.77 -13.26 -8.13
CA ASN A 179 8.41 -12.60 -9.27
C ASN A 179 9.55 -13.45 -9.84
N ILE A 180 10.34 -14.09 -8.97
CA ILE A 180 11.40 -15.01 -9.42
C ILE A 180 10.79 -16.21 -10.15
N CYS A 181 9.65 -16.70 -9.67
CA CYS A 181 8.95 -17.78 -10.37
C CYS A 181 8.46 -17.34 -11.75
N ILE A 182 8.00 -16.09 -11.88
CA ILE A 182 7.57 -15.57 -13.18
C ILE A 182 8.75 -15.48 -14.14
N TRP A 183 9.88 -14.93 -13.67
CA TRP A 183 11.06 -14.80 -14.52
C TRP A 183 11.65 -16.15 -14.92
N VAL A 184 11.59 -17.14 -14.02
CA VAL A 184 12.05 -18.49 -14.35
C VAL A 184 11.10 -19.17 -15.35
N LEU A 185 9.80 -19.07 -15.12
CA LEU A 185 8.81 -19.72 -15.98
C LEU A 185 8.78 -19.13 -17.38
N ALA A 186 9.07 -17.83 -17.53
CA ALA A 186 9.10 -17.23 -18.86
C ALA A 186 10.23 -17.79 -19.73
N SER A 187 11.30 -18.30 -19.10
CA SER A 187 12.37 -18.95 -19.85
C SER A 187 11.89 -20.21 -20.56
N GLY A 188 10.88 -20.89 -20.01
CA GLY A 188 10.27 -22.02 -20.69
C GLY A 188 9.66 -21.66 -22.03
N VAL A 189 9.07 -20.46 -22.13
CA VAL A 189 8.65 -19.94 -23.42
C VAL A 189 9.85 -19.51 -24.25
N GLY A 190 10.85 -18.90 -23.59
CA GLY A 190 11.98 -18.31 -24.31
C GLY A 190 12.87 -19.28 -25.04
N VAL A 191 13.10 -20.47 -24.45
CA VAL A 191 14.08 -21.42 -25.03
C VAL A 191 13.69 -21.98 -26.41
N PRO A 192 12.44 -22.44 -26.65
CA PRO A 192 12.13 -22.92 -28.02
C PRO A 192 12.18 -21.85 -29.11
N ILE A 193 11.87 -20.60 -28.77
CA ILE A 193 12.04 -19.49 -29.72
C ILE A 193 13.51 -19.34 -30.10
N MET A 194 14.41 -19.51 -29.12
CA MET A 194 15.85 -19.50 -29.40
C MET A 194 16.26 -20.67 -30.28
N VAL A 195 15.73 -21.86 -30.01
CA VAL A 195 16.09 -23.04 -30.80
C VAL A 195 15.56 -22.93 -32.23
N MET A 196 14.30 -22.52 -32.40
CA MET A 196 13.67 -22.49 -33.72
C MET A 196 14.25 -21.42 -34.65
N ALA A 197 14.72 -20.31 -34.09
CA ALA A 197 15.19 -19.17 -34.89
C ALA A 197 16.39 -19.52 -35.75
N VAL A 198 16.29 -19.21 -37.05
CA VAL A 198 17.34 -19.50 -38.03
C VAL A 198 17.43 -18.33 -39.02
N THR A 199 18.56 -18.27 -39.70
CA THR A 199 18.83 -17.27 -40.73
C THR A 199 18.88 -17.92 -42.11
N ARG A 200 18.08 -17.41 -43.04
CA ARG A 200 18.07 -17.90 -44.41
C ARG A 200 18.06 -16.73 -45.39
N PRO A 201 18.68 -16.91 -46.57
CA PRO A 201 18.63 -15.85 -47.59
C PRO A 201 17.44 -16.00 -48.53
N ARG A 202 16.62 -14.97 -48.65
CA ARG A 202 15.42 -15.00 -49.49
C ARG A 202 15.42 -13.82 -50.44
N ASP A 203 15.32 -14.11 -51.74
CA ASP A 203 15.19 -13.13 -52.84
C ASP A 203 16.33 -12.11 -52.82
N GLY A 204 17.55 -12.58 -52.57
CA GLY A 204 18.69 -11.70 -52.50
C GLY A 204 18.83 -10.91 -51.22
N ALA A 205 18.02 -11.21 -50.21
CA ALA A 205 18.06 -10.52 -48.92
C ALA A 205 18.03 -11.54 -47.80
N VAL A 206 18.55 -11.14 -46.66
CA VAL A 206 18.66 -12.01 -45.49
C VAL A 206 17.58 -11.61 -44.49
N VAL A 207 16.77 -12.59 -44.05
CA VAL A 207 15.66 -12.35 -43.14
C VAL A 207 15.82 -13.19 -41.88
N CYS A 208 15.58 -12.57 -40.73
CA CYS A 208 15.51 -13.25 -39.44
C CYS A 208 14.08 -13.75 -39.21
N MET A 209 13.94 -15.04 -38.91
CA MET A 209 12.62 -15.63 -38.77
C MET A 209 12.70 -16.91 -37.95
N LEU A 210 11.53 -17.45 -37.63
CA LEU A 210 11.40 -18.70 -36.88
C LEU A 210 11.02 -19.83 -37.83
N GLN A 211 11.75 -20.94 -37.74
CA GLN A 211 11.47 -22.12 -38.54
C GLN A 211 10.63 -23.11 -37.74
N PHE A 212 9.56 -23.59 -38.36
CA PHE A 212 8.62 -24.53 -37.77
C PHE A 212 8.72 -25.87 -38.50
N PRO A 213 8.45 -26.99 -37.82
CA PRO A 213 8.42 -28.28 -38.52
C PRO A 213 7.23 -28.36 -39.46
N SER A 214 7.36 -29.25 -40.45
CA SER A 214 6.33 -29.41 -41.48
C SER A 214 5.04 -29.96 -40.86
N PRO A 215 3.86 -29.46 -41.27
CA PRO A 215 3.59 -28.23 -42.05
C PRO A 215 3.90 -26.94 -41.27
N SER A 216 4.67 -26.05 -41.90
CA SER A 216 5.10 -24.82 -41.23
C SER A 216 3.93 -23.89 -40.94
N TRP A 217 2.97 -23.79 -41.87
CA TRP A 217 1.82 -22.90 -41.68
C TRP A 217 0.91 -23.38 -40.57
N TYR A 218 0.83 -24.71 -40.36
CA TYR A 218 -0.04 -25.25 -39.33
C TYR A 218 0.52 -24.98 -37.94
N TRP A 219 1.79 -25.34 -37.72
CA TRP A 219 2.42 -25.09 -36.43
C TRP A 219 2.50 -23.60 -36.15
N ASP A 220 2.79 -22.80 -37.18
CA ASP A 220 2.82 -21.35 -37.04
C ASP A 220 1.47 -20.80 -36.61
N THR A 221 0.38 -21.29 -37.22
CA THR A 221 -0.97 -20.85 -36.87
C THR A 221 -1.35 -21.27 -35.45
N VAL A 222 -1.02 -22.50 -35.06
CA VAL A 222 -1.28 -22.98 -33.70
C VAL A 222 -0.48 -22.15 -32.69
N THR A 223 0.74 -21.76 -33.05
CA THR A 223 1.55 -20.89 -32.20
C THR A 223 0.89 -19.52 -32.04
N LYS A 224 0.34 -18.97 -33.14
CA LYS A 224 -0.34 -17.67 -33.07
C LYS A 224 -1.56 -17.74 -32.17
N ILE A 225 -2.34 -18.80 -32.29
CA ILE A 225 -3.56 -18.95 -31.49
C ILE A 225 -3.23 -19.16 -30.02
N CYS A 226 -2.21 -19.99 -29.72
CA CYS A 226 -1.82 -20.19 -28.33
C CYS A 226 -1.26 -18.92 -27.69
N VAL A 227 -0.42 -18.17 -28.42
CA VAL A 227 0.10 -16.90 -27.90
C VAL A 227 -1.03 -15.90 -27.70
N PHE A 228 -1.98 -15.84 -28.64
CA PHE A 228 -3.14 -14.96 -28.52
C PHE A 228 -3.98 -15.31 -27.30
N LEU A 229 -4.26 -16.59 -27.09
CA LEU A 229 -5.09 -17.04 -25.98
C LEU A 229 -4.41 -16.75 -24.64
N PHE A 230 -3.21 -17.28 -24.44
CA PHE A 230 -2.56 -17.19 -23.13
C PHE A 230 -2.05 -15.78 -22.82
N ALA A 231 -1.70 -14.98 -23.83
CA ALA A 231 -1.22 -13.63 -23.57
C ALA A 231 -2.31 -12.57 -23.63
N PHE A 232 -3.51 -12.88 -24.14
CA PHE A 232 -4.55 -11.87 -24.26
C PHE A 232 -5.81 -12.23 -23.49
N VAL A 233 -6.39 -13.41 -23.72
CA VAL A 233 -7.74 -13.68 -23.24
C VAL A 233 -7.74 -13.99 -21.75
N VAL A 234 -6.86 -14.88 -21.31
CA VAL A 234 -6.79 -15.26 -19.89
C VAL A 234 -6.37 -14.10 -18.98
N PRO A 235 -5.33 -13.29 -19.30
CA PRO A 235 -5.06 -12.14 -18.41
C PRO A 235 -6.17 -11.10 -18.36
N ILE A 236 -6.85 -10.82 -19.47
CA ILE A 236 -8.00 -9.91 -19.45
C ILE A 236 -9.11 -10.46 -18.58
N LEU A 237 -9.34 -11.79 -18.63
CA LEU A 237 -10.34 -12.42 -17.78
C LEU A 237 -10.00 -12.27 -16.30
N ILE A 238 -8.75 -12.57 -15.93
CA ILE A 238 -8.35 -12.51 -14.53
C ILE A 238 -8.38 -11.08 -14.01
N ILE A 239 -7.88 -10.12 -14.80
CA ILE A 239 -7.84 -8.72 -14.39
C ILE A 239 -9.25 -8.14 -14.29
N THR A 240 -10.09 -8.42 -15.29
CA THR A 240 -11.46 -7.91 -15.29
C THR A 240 -12.28 -8.46 -14.13
N VAL A 241 -12.15 -9.77 -13.84
CA VAL A 241 -12.90 -10.36 -12.73
C VAL A 241 -12.41 -9.83 -11.38
N CYS A 242 -11.09 -9.74 -11.21
CA CYS A 242 -10.51 -9.24 -9.96
C CYS A 242 -10.88 -7.78 -9.71
N TYR A 243 -10.77 -6.93 -10.74
CA TYR A 243 -11.13 -5.52 -10.61
C TYR A 243 -12.64 -5.33 -10.43
N GLY A 244 -13.46 -6.16 -11.08
CA GLY A 244 -14.90 -6.06 -10.89
C GLY A 244 -15.33 -6.42 -9.49
N LEU A 245 -14.78 -7.50 -8.93
CA LEU A 245 -15.09 -7.86 -7.55
C LEU A 245 -14.54 -6.85 -6.57
N MET A 246 -13.37 -6.27 -6.88
CA MET A 246 -12.79 -5.21 -6.07
C MET A 246 -13.69 -3.97 -6.03
N LEU A 247 -14.17 -3.54 -7.20
CA LEU A 247 -15.06 -2.38 -7.27
C LEU A 247 -16.40 -2.64 -6.60
N LEU A 248 -16.92 -3.87 -6.71
CA LEU A 248 -18.14 -4.21 -5.98
C LEU A 248 -17.92 -4.19 -4.47
N ARG A 249 -16.73 -4.60 -4.01
CA ARG A 249 -16.43 -4.54 -2.59
C ARG A 249 -16.27 -3.10 -2.09
N LEU A 250 -15.68 -2.22 -2.91
CA LEU A 250 -15.33 -0.87 -2.48
C LEU A 250 -16.54 -0.01 -2.10
N ARG A 251 -17.73 -0.29 -2.66
CA ARG A 251 -18.89 0.54 -2.37
C ARG A 251 -19.33 0.45 -0.91
N SER A 252 -19.05 -0.68 -0.23
CA SER A 252 -19.43 -0.84 1.17
C SER A 252 -18.61 0.05 2.10
N VAL A 253 -17.39 0.41 1.69
CA VAL A 253 -16.48 1.20 2.51
C VAL A 253 -17.07 2.57 2.80
N ARG A 254 -17.05 2.96 4.08
CA ARG A 254 -17.62 4.24 4.49
C ARG A 254 -16.82 5.43 3.95
N LEU A 255 -15.50 5.26 3.79
CA LEU A 255 -14.66 6.34 3.27
C LEU A 255 -14.99 6.68 1.81
N LEU A 256 -15.47 5.71 1.04
CA LEU A 256 -15.76 5.91 -0.37
C LEU A 256 -17.23 6.25 -0.67
N SER A 257 -18.10 6.30 0.35
CA SER A 257 -19.52 6.48 0.10
C SER A 257 -20.13 7.43 1.13
N GLY A 258 -21.27 8.00 0.75
CA GLY A 258 -22.06 8.84 1.64
C GLY A 258 -21.78 10.33 1.58
N SER A 259 -20.81 10.77 0.78
CA SER A 259 -20.54 12.19 0.63
C SER A 259 -20.09 12.47 -0.79
N LYS A 260 -20.21 13.74 -1.19
CA LYS A 260 -19.83 14.15 -2.54
C LYS A 260 -18.33 14.01 -2.77
N GLU A 261 -17.51 14.43 -1.81
CA GLU A 261 -16.06 14.27 -1.90
C GLU A 261 -15.67 12.80 -1.89
N LYS A 262 -16.36 12.00 -1.07
CA LYS A 262 -16.12 10.56 -1.03
C LYS A 262 -16.49 9.89 -2.35
N ASP A 263 -17.59 10.35 -2.97
CA ASP A 263 -17.96 9.86 -4.30
C ASP A 263 -16.93 10.27 -5.36
N ARG A 264 -16.37 11.47 -5.22
CA ARG A 264 -15.29 11.89 -6.14
C ARG A 264 -14.05 11.02 -5.97
N SER A 265 -13.72 10.66 -4.72
CA SER A 265 -12.60 9.75 -4.48
C SER A 265 -12.86 8.37 -5.06
N LEU A 266 -14.10 7.88 -4.94
CA LEU A 266 -14.47 6.60 -5.55
C LEU A 266 -14.42 6.68 -7.08
N ARG A 267 -14.75 7.84 -7.64
CA ARG A 267 -14.69 8.03 -9.08
C ARG A 267 -13.25 8.05 -9.57
N ARG A 268 -12.36 8.62 -8.76
CA ARG A 268 -10.93 8.65 -9.08
C ARG A 268 -10.33 7.25 -9.04
N ILE A 269 -10.66 6.48 -8.00
CA ILE A 269 -10.17 5.10 -7.88
C ILE A 269 -10.72 4.25 -9.02
N THR A 270 -11.99 4.44 -9.39
CA THR A 270 -12.59 3.68 -10.49
C THR A 270 -11.91 3.99 -11.82
N ARG A 271 -11.61 5.27 -12.07
CA ARG A 271 -10.92 5.64 -13.31
C ARG A 271 -9.51 5.08 -13.35
N MET A 272 -8.77 5.18 -12.23
CA MET A 272 -7.41 4.64 -12.16
C MET A 272 -7.39 3.13 -12.37
N VAL A 273 -8.40 2.44 -11.86
CA VAL A 273 -8.50 0.99 -12.06
C VAL A 273 -8.79 0.66 -13.52
N LEU A 274 -9.78 1.32 -14.11
CA LEU A 274 -10.22 0.94 -15.46
C LEU A 274 -9.24 1.35 -16.57
N VAL A 275 -8.41 2.39 -16.34
CA VAL A 275 -7.43 2.83 -17.34
C VAL A 275 -6.47 1.69 -17.73
N VAL A 276 -6.12 0.82 -16.77
CA VAL A 276 -5.23 -0.32 -17.03
C VAL A 276 -5.85 -1.29 -18.02
N VAL A 277 -7.13 -1.64 -17.80
CA VAL A 277 -7.85 -2.57 -18.67
C VAL A 277 -8.04 -1.98 -20.06
N VAL A 278 -8.43 -0.70 -20.13
CA VAL A 278 -8.68 -0.05 -21.41
C VAL A 278 -7.40 0.06 -22.23
N ALA A 279 -6.29 0.45 -21.59
CA ALA A 279 -5.00 0.57 -22.26
C ALA A 279 -4.50 -0.80 -22.73
N PHE A 280 -4.69 -1.84 -21.90
CA PHE A 280 -4.26 -3.19 -22.27
C PHE A 280 -4.99 -3.69 -23.50
N VAL A 281 -6.32 -3.51 -23.53
CA VAL A 281 -7.12 -3.99 -24.67
C VAL A 281 -6.78 -3.21 -25.93
N VAL A 282 -6.72 -1.87 -25.82
CA VAL A 282 -6.46 -1.00 -26.99
C VAL A 282 -5.09 -1.27 -27.57
N CYS A 283 -4.08 -1.47 -26.72
CA CYS A 283 -2.74 -1.70 -27.24
C CYS A 283 -2.57 -3.11 -27.80
N TRP A 284 -3.13 -4.15 -27.14
CA TRP A 284 -2.79 -5.50 -27.57
C TRP A 284 -3.72 -6.09 -28.63
N ALA A 285 -4.96 -5.62 -28.78
CA ALA A 285 -5.83 -6.23 -29.79
C ALA A 285 -5.42 -6.07 -31.26
N PRO A 286 -5.01 -4.88 -31.77
CA PRO A 286 -4.68 -4.79 -33.21
C PRO A 286 -3.48 -5.61 -33.64
N ILE A 287 -2.42 -5.70 -32.82
CA ILE A 287 -1.24 -6.46 -33.21
C ILE A 287 -1.56 -7.95 -33.30
N HIS A 288 -2.31 -8.49 -32.33
CA HIS A 288 -2.70 -9.91 -32.34
C HIS A 288 -3.57 -10.23 -33.55
N ILE A 289 -4.63 -9.43 -33.76
CA ILE A 289 -5.53 -9.69 -34.89
C ILE A 289 -4.80 -9.53 -36.23
N PHE A 290 -3.96 -8.49 -36.36
CA PHE A 290 -3.23 -8.26 -37.61
C PHE A 290 -2.26 -9.40 -37.90
N VAL A 291 -1.59 -9.92 -36.86
CA VAL A 291 -0.64 -11.01 -37.04
C VAL A 291 -1.37 -12.29 -37.46
N ILE A 292 -2.50 -12.60 -36.81
CA ILE A 292 -3.26 -13.81 -37.16
C ILE A 292 -3.80 -13.73 -38.59
N VAL A 293 -4.29 -12.55 -38.99
CA VAL A 293 -4.75 -12.35 -40.37
C VAL A 293 -3.58 -12.47 -41.35
N TRP A 294 -2.41 -11.95 -40.98
CA TRP A 294 -1.21 -12.04 -41.80
C TRP A 294 -0.80 -13.49 -42.00
N THR A 295 -0.90 -14.29 -40.93
CA THR A 295 -0.57 -15.70 -41.00
C THR A 295 -1.54 -16.45 -41.92
N LEU A 296 -2.83 -16.12 -41.85
CA LEU A 296 -3.81 -16.81 -42.68
C LEU A 296 -3.70 -16.41 -44.15
N VAL A 297 -3.67 -15.11 -44.44
CA VAL A 297 -3.68 -14.62 -45.81
C VAL A 297 -2.28 -14.76 -46.40
N ASP A 298 -2.19 -15.08 -47.69
CA ASP A 298 -0.94 -15.33 -48.39
C ASP A 298 -0.42 -14.13 -49.18
N ILE A 299 -0.95 -12.93 -48.96
CA ILE A 299 -0.53 -11.75 -49.73
C ILE A 299 0.93 -11.40 -49.44
N ASP A 300 1.61 -10.91 -50.47
CA ASP A 300 3.02 -10.53 -50.38
C ASP A 300 3.19 -9.26 -49.56
N ARG A 301 4.37 -9.12 -48.97
CA ARG A 301 4.71 -8.00 -48.09
C ARG A 301 5.35 -6.82 -48.82
N ARG A 302 5.31 -6.80 -50.15
CA ARG A 302 5.90 -5.70 -50.92
C ARG A 302 5.19 -4.38 -50.67
N ASP A 303 3.88 -4.41 -50.40
CA ASP A 303 3.05 -3.20 -50.30
C ASP A 303 3.49 -2.35 -49.10
N PRO A 304 3.81 -1.08 -49.29
CA PRO A 304 4.32 -0.26 -48.17
C PRO A 304 3.28 0.09 -47.11
N LEU A 305 2.02 0.31 -47.50
CA LEU A 305 0.99 0.73 -46.55
C LEU A 305 0.68 -0.35 -45.51
N VAL A 306 0.59 -1.61 -45.94
CA VAL A 306 0.32 -2.72 -45.03
C VAL A 306 1.48 -2.90 -44.05
N VAL A 307 2.72 -2.77 -44.54
CA VAL A 307 3.91 -2.84 -43.69
C VAL A 307 3.93 -1.67 -42.69
N ALA A 308 3.51 -0.49 -43.13
CA ALA A 308 3.45 0.68 -42.26
C ALA A 308 2.42 0.49 -41.14
N ALA A 309 1.25 -0.06 -41.48
CA ALA A 309 0.24 -0.36 -40.47
C ALA A 309 0.73 -1.44 -39.50
N LEU A 310 1.46 -2.43 -40.02
CA LEU A 310 2.05 -3.47 -39.18
C LEU A 310 3.07 -2.89 -38.20
N HIS A 311 3.92 -1.97 -38.66
CA HIS A 311 4.86 -1.31 -37.77
C HIS A 311 4.15 -0.41 -36.76
N LEU A 312 3.02 0.20 -37.15
CA LEU A 312 2.23 0.95 -36.18
C LEU A 312 1.67 0.05 -35.08
N CYS A 313 1.21 -1.15 -35.45
CA CYS A 313 0.72 -2.09 -34.44
C CYS A 313 1.83 -2.59 -33.52
N ILE A 314 3.01 -2.89 -34.10
CA ILE A 314 4.18 -3.28 -33.31
C ILE A 314 4.61 -2.14 -32.39
N ALA A 315 4.53 -0.90 -32.88
CA ALA A 315 4.86 0.27 -32.08
C ALA A 315 3.88 0.43 -30.92
N LEU A 316 2.59 0.16 -31.15
CA LEU A 316 1.60 0.21 -30.06
C LEU A 316 1.90 -0.85 -28.99
N GLY A 317 2.30 -2.05 -29.43
CA GLY A 317 2.68 -3.08 -28.47
C GLY A 317 3.90 -2.70 -27.63
N TYR A 318 4.93 -2.13 -28.28
CA TYR A 318 6.08 -1.63 -27.53
C TYR A 318 5.72 -0.42 -26.66
N ILE A 319 4.72 0.36 -27.06
CA ILE A 319 4.24 1.47 -26.25
C ILE A 319 3.69 0.94 -24.93
N ASN A 320 2.82 -0.07 -25.01
CA ASN A 320 2.28 -0.67 -23.79
C ASN A 320 3.38 -1.30 -22.95
N SER A 321 4.34 -1.95 -23.61
CA SER A 321 5.43 -2.61 -22.90
C SER A 321 6.31 -1.63 -22.13
N SER A 322 6.63 -0.48 -22.73
CA SER A 322 7.56 0.46 -22.11
C SER A 322 6.94 1.68 -21.43
N LEU A 323 6.05 2.40 -22.12
CA LEU A 323 5.48 3.63 -21.58
C LEU A 323 4.55 3.38 -20.38
N ASN A 324 3.72 2.32 -20.46
CA ASN A 324 2.74 2.07 -19.41
C ASN A 324 3.31 1.78 -18.02
N PRO A 325 4.39 0.99 -17.82
CA PRO A 325 4.91 0.84 -16.44
C PRO A 325 5.34 2.16 -15.81
N VAL A 326 5.97 3.04 -16.59
CA VAL A 326 6.36 4.36 -16.13
C VAL A 326 5.11 5.17 -15.78
N LEU A 327 4.07 5.06 -16.63
CA LEU A 327 2.81 5.75 -16.38
C LEU A 327 2.16 5.24 -15.10
N TYR A 328 2.23 3.93 -14.86
CA TYR A 328 1.69 3.32 -13.65
C TYR A 328 2.41 3.88 -12.43
N ALA A 329 3.73 4.05 -12.55
CA ALA A 329 4.52 4.64 -11.47
C ALA A 329 4.07 6.06 -11.18
N PHE A 330 3.81 6.85 -12.25
CA PHE A 330 3.32 8.21 -12.08
C PHE A 330 1.93 8.23 -11.45
N LEU A 331 1.10 7.22 -11.76
CA LEU A 331 -0.25 7.14 -11.20
C LEU A 331 -0.22 6.93 -9.70
N ASP A 332 0.76 6.18 -9.20
CA ASP A 332 0.88 5.87 -7.77
C ASP A 332 1.07 7.14 -6.94
N GLU A 333 0.29 7.23 -5.86
CA GLU A 333 0.35 8.39 -4.96
C GLU A 333 1.69 8.49 -4.25
N ASN A 334 2.28 7.35 -3.86
CA ASN A 334 3.55 7.33 -3.13
C ASN A 334 4.67 7.96 -3.95
N PHE A 335 4.72 7.67 -5.25
CA PHE A 335 5.72 8.22 -6.16
C PHE A 335 5.60 9.74 -6.22
N LYS A 336 4.34 10.23 -6.31
CA LYS A 336 4.07 11.67 -6.31
C LYS A 336 4.50 12.28 -4.99
N ARG A 337 4.24 11.56 -3.88
CA ARG A 337 4.61 12.03 -2.55
C ARG A 337 6.12 12.17 -2.44
N CYS A 338 6.87 11.21 -3.00
CA CYS A 338 8.33 11.26 -2.97
C CYS A 338 8.83 12.50 -3.74
N PHE A 339 8.24 12.76 -4.91
CA PHE A 339 8.63 13.94 -5.68
C PHE A 339 8.28 15.23 -4.94
N ARG A 340 7.10 15.27 -4.30
CA ARG A 340 6.68 16.44 -3.53
C ARG A 340 7.62 16.68 -2.36
N GLN A 341 8.02 15.59 -1.67
CA GLN A 341 8.93 15.68 -0.54
C GLN A 341 10.28 16.21 -0.98
N LEU A 342 10.77 15.74 -2.14
CA LEU A 342 12.05 16.21 -2.67
C LEU A 342 12.01 17.70 -2.99
N CYS A 343 10.92 18.17 -3.58
CA CYS A 343 10.77 19.58 -3.93
C CYS A 343 9.98 20.33 -2.88
N TYR B 1 6.97 -7.58 -30.52
CA TYR B 1 6.21 -8.73 -31.03
C TYR B 1 5.71 -8.48 -32.45
N PHE B 3 8.22 -9.26 -35.16
CA PHE B 3 9.47 -9.22 -35.90
C PHE B 3 9.59 -10.39 -36.87
N GLU B 4 9.08 -11.56 -36.45
CA GLU B 4 9.11 -12.78 -37.26
C GLU B 4 8.38 -12.67 -38.59
N VAL B 5 7.44 -11.74 -38.76
CA VAL B 5 6.72 -11.61 -40.01
C VAL B 5 7.31 -10.52 -40.91
N VAL B 6 7.79 -9.41 -40.35
CA VAL B 6 8.47 -8.39 -41.15
C VAL B 6 9.80 -8.87 -41.72
N GLY B 7 10.38 -9.90 -41.10
CA GLY B 7 11.65 -10.44 -41.53
C GLY B 7 12.69 -10.16 -40.48
N THR C 4 39.48 -13.46 5.98
CA THR C 4 40.49 -13.59 7.03
C THR C 4 39.85 -13.51 8.41
N LEU C 5 39.19 -14.59 8.81
CA LEU C 5 38.53 -14.68 10.10
C LEU C 5 38.90 -15.99 10.79
N SER C 6 39.09 -15.93 12.10
CA SER C 6 39.35 -17.12 12.90
C SER C 6 38.07 -17.94 13.05
N ALA C 7 38.25 -19.17 13.55
CA ALA C 7 37.14 -20.10 13.74
C ALA C 7 36.12 -19.58 14.74
N GLU C 8 36.60 -18.95 15.83
CA GLU C 8 35.70 -18.37 16.82
C GLU C 8 34.91 -17.20 16.24
N ASP C 9 35.55 -16.40 15.38
CA ASP C 9 34.86 -15.28 14.74
C ASP C 9 33.78 -15.79 13.78
N LYS C 10 34.08 -16.87 13.05
CA LYS C 10 33.08 -17.47 12.16
C LYS C 10 31.92 -18.08 12.95
N ALA C 11 32.21 -18.67 14.11
CA ALA C 11 31.14 -19.16 14.98
C ALA C 11 30.30 -18.02 15.53
N ALA C 12 30.92 -16.87 15.82
CA ALA C 12 30.18 -15.70 16.26
C ALA C 12 29.28 -15.15 15.14
N VAL C 13 29.77 -15.19 13.89
CA VAL C 13 28.97 -14.79 12.74
C VAL C 13 27.78 -15.74 12.56
N GLU C 14 28.00 -17.05 12.75
CA GLU C 14 26.90 -18.02 12.65
C GLU C 14 25.87 -17.81 13.75
N ARG C 15 26.33 -17.47 14.96
CA ARG C 15 25.42 -17.13 16.06
C ARG C 15 24.61 -15.88 15.74
N SER C 16 25.25 -14.89 15.10
CA SER C 16 24.55 -13.67 14.70
C SER C 16 23.50 -13.96 13.63
N LYS C 17 23.82 -14.87 12.70
CA LYS C 17 22.84 -15.24 11.67
C LYS C 17 21.65 -15.98 12.27
N MET C 18 21.88 -16.83 13.26
CA MET C 18 20.79 -17.52 13.95
C MET C 18 19.90 -16.54 14.69
N ILE C 19 20.52 -15.59 15.42
CA ILE C 19 19.78 -14.52 16.10
C ILE C 19 18.98 -13.69 15.10
N ASP C 20 19.56 -13.40 13.93
CA ASP C 20 18.86 -12.62 12.91
C ASP C 20 17.67 -13.39 12.35
N ARG C 21 17.79 -14.72 12.23
CA ARG C 21 16.64 -15.53 11.81
C ARG C 21 15.53 -15.49 12.84
N ASN C 22 15.88 -15.56 14.13
CA ASN C 22 14.87 -15.47 15.18
C ASN C 22 14.21 -14.10 15.21
N LEU C 23 14.98 -13.04 14.92
CA LEU C 23 14.43 -11.69 14.85
C LEU C 23 13.44 -11.56 13.70
N ARG C 24 13.77 -12.12 12.54
CA ARG C 24 12.87 -12.05 11.39
C ARG C 24 11.60 -12.85 11.64
N GLU C 25 11.71 -14.03 12.27
CA GLU C 25 10.52 -14.84 12.56
C GLU C 25 9.61 -14.15 13.57
N ASP C 26 10.19 -13.54 14.62
CA ASP C 26 9.39 -12.82 15.60
C ASP C 26 8.75 -11.58 14.99
N GLY C 27 9.45 -10.89 14.09
CA GLY C 27 8.86 -9.74 13.42
C GLY C 27 7.71 -10.11 12.48
N GLU C 28 7.86 -11.24 11.77
CA GLU C 28 6.78 -11.75 10.93
C GLU C 28 5.56 -12.11 11.75
N LYS C 29 5.75 -12.82 12.86
CA LYS C 29 4.65 -13.13 13.77
C LYS C 29 3.99 -11.86 14.32
N ALA C 30 4.80 -10.88 14.76
CA ALA C 30 4.27 -9.67 15.37
C ALA C 30 3.59 -8.72 14.38
N ALA C 31 3.90 -8.81 13.09
CA ALA C 31 3.27 -7.94 12.09
C ALA C 31 1.77 -8.19 11.95
N ARG C 32 1.31 -9.41 12.18
CA ARG C 32 -0.10 -9.77 11.99
C ARG C 32 -1.02 -9.32 13.12
N GLU C 33 -0.48 -8.83 14.23
CA GLU C 33 -1.27 -8.51 15.41
C GLU C 33 -2.01 -7.17 15.24
N VAL C 34 -3.34 -7.23 15.27
CA VAL C 34 -4.16 -6.02 15.26
C VAL C 34 -4.05 -5.33 16.62
N LYS C 35 -3.75 -4.03 16.61
CA LYS C 35 -3.56 -3.25 17.83
C LYS C 35 -4.75 -2.34 18.10
N LEU C 36 -5.28 -2.42 19.32
CA LEU C 36 -6.41 -1.61 19.74
C LEU C 36 -6.06 -0.89 21.03
N LEU C 37 -6.24 0.42 21.05
CA LEU C 37 -6.03 1.22 22.26
C LEU C 37 -7.38 1.49 22.91
N LEU C 38 -7.50 1.22 24.20
CA LEU C 38 -8.77 1.39 24.91
C LEU C 38 -8.73 2.68 25.74
N LEU C 39 -9.72 3.55 25.52
CA LEU C 39 -9.78 4.84 26.18
C LEU C 39 -11.20 5.12 26.67
N GLY C 40 -11.31 6.15 27.50
CA GLY C 40 -12.54 6.50 28.18
C GLY C 40 -12.29 6.78 29.65
N ALA C 41 -13.35 7.21 30.33
CA ALA C 41 -13.28 7.47 31.76
C ALA C 41 -13.25 6.16 32.55
N GLY C 42 -13.16 6.29 33.87
CA GLY C 42 -13.07 5.11 34.72
C GLY C 42 -14.38 4.36 34.84
N GLU C 43 -15.46 5.09 35.11
CA GLU C 43 -16.80 4.51 35.22
C GLU C 43 -17.52 4.37 33.87
N SER C 44 -16.76 4.39 32.76
CA SER C 44 -17.36 4.26 31.44
C SER C 44 -17.99 2.88 31.24
N GLY C 45 -17.24 1.82 31.53
CA GLY C 45 -17.69 0.50 31.15
C GLY C 45 -16.63 -0.33 30.43
N LYS C 46 -15.36 0.02 30.62
CA LYS C 46 -14.25 -0.70 30.01
C LYS C 46 -14.23 -2.17 30.44
N SER C 47 -14.42 -2.41 31.74
CA SER C 47 -14.44 -3.76 32.28
C SER C 47 -15.58 -4.58 31.67
N THR C 48 -16.74 -3.94 31.46
CA THR C 48 -17.87 -4.61 30.82
C THR C 48 -17.53 -5.03 29.39
N ILE C 49 -16.84 -4.15 28.64
CA ILE C 49 -16.43 -4.45 27.27
C ILE C 49 -15.45 -5.62 27.24
N VAL C 50 -14.47 -5.60 28.17
CA VAL C 50 -13.49 -6.69 28.26
C VAL C 50 -14.17 -8.01 28.63
N LYS C 51 -15.13 -7.96 29.55
CA LYS C 51 -15.88 -9.15 29.95
C LYS C 51 -16.71 -9.71 28.79
N GLN C 52 -17.37 -8.83 28.03
CA GLN C 52 -18.15 -9.26 26.87
C GLN C 52 -17.27 -9.88 25.79
N MET C 53 -16.12 -9.26 25.50
CA MET C 53 -15.21 -9.81 24.50
C MET C 53 -14.60 -11.13 24.93
N LYS C 54 -14.24 -11.26 26.22
CA LYS C 54 -13.66 -12.50 26.72
C LYS C 54 -14.65 -13.66 26.64
N ILE C 55 -15.91 -13.42 27.01
CA ILE C 55 -16.93 -14.46 26.95
C ILE C 55 -17.80 -14.26 25.72
N THR C 181 2.04 -6.37 36.02
CA THR C 181 1.41 -5.33 35.20
C THR C 181 0.48 -4.46 36.05
N THR C 182 0.95 -3.27 36.40
CA THR C 182 0.16 -2.24 37.07
C THR C 182 0.37 -0.92 36.33
N GLY C 183 -0.53 -0.62 35.40
CA GLY C 183 -0.41 0.59 34.60
C GLY C 183 -0.84 0.43 33.16
N ILE C 184 -0.63 -0.76 32.60
CA ILE C 184 -1.16 -1.11 31.28
C ILE C 184 -1.53 -2.58 31.25
N VAL C 185 -2.83 -2.88 31.23
CA VAL C 185 -3.25 -4.26 31.04
C VAL C 185 -3.41 -4.55 29.55
N GLU C 186 -3.09 -5.78 29.17
CA GLU C 186 -3.14 -6.24 27.79
C GLU C 186 -4.07 -7.43 27.68
N THR C 187 -5.00 -7.36 26.74
CA THR C 187 -5.98 -8.42 26.49
C THR C 187 -5.73 -9.02 25.11
N HIS C 188 -5.60 -10.34 25.07
CA HIS C 188 -5.44 -11.08 23.82
C HIS C 188 -6.73 -11.81 23.50
N PHE C 189 -7.23 -11.65 22.27
CA PHE C 189 -8.36 -12.48 21.85
C PHE C 189 -8.35 -12.66 20.34
N THR C 190 -8.89 -13.79 19.90
CA THR C 190 -8.89 -14.17 18.49
C THR C 190 -10.34 -14.26 18.01
N PHE C 191 -10.61 -13.67 16.85
CA PHE C 191 -11.94 -13.72 16.27
C PHE C 191 -11.83 -13.87 14.76
N LYS C 192 -12.43 -14.95 14.24
CA LYS C 192 -12.44 -15.30 12.80
C LYS C 192 -11.02 -15.38 12.25
N ASP C 193 -10.14 -16.03 13.01
CA ASP C 193 -8.70 -16.17 12.73
C ASP C 193 -8.05 -14.81 12.56
N LEU C 194 -8.43 -13.86 13.41
CA LEU C 194 -7.79 -12.55 13.45
C LEU C 194 -7.39 -12.25 14.89
N HIS C 195 -6.11 -11.90 15.08
CA HIS C 195 -5.52 -11.72 16.40
C HIS C 195 -5.65 -10.26 16.85
N PHE C 196 -6.26 -10.04 18.01
CA PHE C 196 -6.46 -8.72 18.57
C PHE C 196 -5.70 -8.61 19.89
N LYS C 197 -4.89 -7.56 19.99
CA LYS C 197 -4.25 -7.14 21.24
C LYS C 197 -4.83 -5.78 21.63
N MET C 198 -5.44 -5.72 22.81
CA MET C 198 -6.04 -4.51 23.33
C MET C 198 -5.24 -4.01 24.52
N PHE C 199 -4.97 -2.72 24.57
CA PHE C 199 -4.13 -2.11 25.59
C PHE C 199 -4.95 -1.09 26.35
N ASP C 200 -5.21 -1.36 27.63
CA ASP C 200 -5.89 -0.41 28.50
C ASP C 200 -4.85 0.25 29.39
N VAL C 201 -4.73 1.58 29.26
CA VAL C 201 -3.76 2.39 29.98
C VAL C 201 -4.38 3.11 31.18
N GLY C 202 -5.62 2.79 31.54
CA GLY C 202 -6.39 3.60 32.47
C GLY C 202 -5.94 3.59 33.92
N ALA C 203 -4.92 2.82 34.26
CA ALA C 203 -4.39 2.80 35.63
C ALA C 203 -3.34 3.88 35.87
N GLN C 204 -2.85 4.55 34.84
CA GLN C 204 -1.77 5.50 34.98
C GLN C 204 -2.28 6.87 35.39
N ARG C 205 -1.55 7.52 36.30
CA ARG C 205 -1.88 8.84 36.80
C ARG C 205 -0.91 9.90 36.26
N SER C 206 -0.11 9.54 35.27
CA SER C 206 0.90 10.44 34.72
C SER C 206 0.33 11.24 33.55
N GLU C 207 1.06 12.31 33.20
CA GLU C 207 0.70 13.14 32.06
C GLU C 207 0.70 12.35 30.76
N ARG C 208 -0.47 12.30 30.12
CA ARG C 208 -0.67 11.50 28.91
C ARG C 208 0.20 11.95 27.74
N LYS C 209 0.50 13.26 27.68
CA LYS C 209 1.23 13.85 26.55
C LYS C 209 2.62 13.24 26.36
N LYS C 210 3.28 12.87 27.46
CA LYS C 210 4.66 12.38 27.38
C LYS C 210 4.75 11.01 26.72
N TRP C 211 3.83 10.10 27.03
CA TRP C 211 3.91 8.72 26.55
C TRP C 211 2.92 8.39 25.43
N ILE C 212 2.17 9.38 24.91
CA ILE C 212 1.15 9.08 23.91
C ILE C 212 1.78 8.68 22.57
N HIS C 213 2.97 9.22 22.25
CA HIS C 213 3.61 8.98 20.95
C HIS C 213 3.99 7.52 20.74
N CYS C 214 4.18 6.75 21.83
CA CYS C 214 4.44 5.33 21.73
C CYS C 214 3.28 4.58 21.06
N PHE C 215 2.05 5.05 21.25
CA PHE C 215 0.88 4.39 20.70
C PHE C 215 0.55 4.81 19.28
N GLU C 216 1.47 5.50 18.58
CA GLU C 216 1.22 5.97 17.23
C GLU C 216 0.94 4.82 16.25
N GLY C 217 1.69 3.72 16.39
CA GLY C 217 1.46 2.56 15.55
C GLY C 217 0.43 1.58 16.06
N VAL C 218 -0.85 1.94 15.97
CA VAL C 218 -1.95 1.08 16.37
C VAL C 218 -2.99 1.05 15.25
N THR C 219 -3.75 -0.04 15.20
CA THR C 219 -4.78 -0.15 14.17
C THR C 219 -5.96 0.76 14.49
N ALA C 220 -6.53 0.67 15.70
CA ALA C 220 -7.67 1.52 16.00
C ALA C 220 -7.72 1.88 17.48
N ILE C 221 -8.44 2.97 17.77
CA ILE C 221 -8.71 3.38 19.14
C ILE C 221 -10.18 3.11 19.44
N ILE C 222 -10.44 2.31 20.47
CA ILE C 222 -11.78 2.08 20.97
C ILE C 222 -12.01 3.00 22.16
N PHE C 223 -13.01 3.87 22.04
CA PHE C 223 -13.32 4.90 23.03
C PHE C 223 -14.70 4.61 23.59
N CYS C 224 -14.78 4.42 24.90
CA CYS C 224 -16.04 4.06 25.56
C CYS C 224 -16.51 5.20 26.46
N VAL C 225 -17.78 5.59 26.30
CA VAL C 225 -18.43 6.55 27.17
C VAL C 225 -19.80 6.06 27.54
N ALA C 226 -20.32 6.56 28.65
CA ALA C 226 -21.62 6.15 29.20
C ALA C 226 -22.63 7.26 28.99
N LEU C 227 -23.81 6.90 28.46
CA LEU C 227 -24.85 7.87 28.15
C LEU C 227 -25.41 8.55 29.39
N SER C 228 -25.46 7.85 30.52
CA SER C 228 -26.07 8.35 31.75
C SER C 228 -25.14 9.25 32.58
N ASP C 229 -23.94 9.57 32.06
CA ASP C 229 -22.97 10.35 32.82
C ASP C 229 -23.44 11.76 33.15
N TYR C 230 -24.24 12.38 32.29
CA TYR C 230 -24.60 13.80 32.43
C TYR C 230 -25.41 14.07 33.71
N ASP C 231 -26.26 13.12 34.12
CA ASP C 231 -27.08 13.32 35.31
C ASP C 231 -26.23 13.35 36.57
N LEU C 232 -25.23 12.47 36.67
CA LEU C 232 -24.35 12.48 37.83
C LEU C 232 -23.44 13.71 37.80
N VAL C 233 -23.20 14.27 38.98
CA VAL C 233 -22.42 15.49 39.13
C VAL C 233 -21.19 15.15 39.98
N LEU C 234 -20.00 15.52 39.49
CA LEU C 234 -18.76 15.31 40.20
C LEU C 234 -18.68 16.14 41.49
N MET C 240 -20.19 20.70 37.68
CA MET C 240 -19.64 20.36 36.37
C MET C 240 -20.39 19.11 35.86
N ASN C 241 -20.35 18.88 34.55
CA ASN C 241 -21.04 17.75 33.93
C ASN C 241 -20.01 16.76 33.38
N ARG C 242 -20.23 15.48 33.65
CA ARG C 242 -19.32 14.43 33.22
C ARG C 242 -19.31 14.28 31.70
N MET C 243 -20.46 14.50 31.04
CA MET C 243 -20.54 14.36 29.59
C MET C 243 -19.67 15.39 28.86
N HIS C 244 -19.60 16.61 29.40
CA HIS C 244 -18.68 17.61 28.84
C HIS C 244 -17.22 17.20 29.02
N GLU C 245 -16.90 16.55 30.15
CA GLU C 245 -15.56 16.00 30.33
C GLU C 245 -15.27 14.89 29.32
N SER C 246 -16.28 14.06 29.02
CA SER C 246 -16.13 13.04 28.00
C SER C 246 -15.92 13.65 26.62
N MET C 247 -16.62 14.75 26.32
CA MET C 247 -16.40 15.47 25.07
C MET C 247 -15.00 16.08 25.00
N LYS C 248 -14.52 16.63 26.12
CA LYS C 248 -13.17 17.19 26.15
C LYS C 248 -12.12 16.11 25.94
N LEU C 249 -12.33 14.93 26.53
CA LEU C 249 -11.42 13.81 26.35
C LEU C 249 -11.44 13.30 24.91
N PHE C 250 -12.64 13.20 24.31
CA PHE C 250 -12.77 12.75 22.93
C PHE C 250 -12.15 13.76 21.96
N ASP C 251 -12.34 15.05 22.22
CA ASP C 251 -11.77 16.09 21.37
C ASP C 251 -10.25 16.10 21.46
N SER C 252 -9.72 15.89 22.67
CA SER C 252 -8.27 15.83 22.85
C SER C 252 -7.67 14.61 22.15
N ILE C 253 -8.36 13.48 22.18
CA ILE C 253 -7.82 12.30 21.49
C ILE C 253 -7.98 12.43 19.97
N CYS C 254 -9.06 13.08 19.51
CA CYS C 254 -9.32 13.17 18.08
C CYS C 254 -8.42 14.21 17.40
N ASN C 255 -8.19 15.35 18.04
CA ASN C 255 -7.39 16.40 17.43
C ASN C 255 -5.89 16.25 17.65
N ASN C 256 -5.46 15.16 18.31
CA ASN C 256 -4.04 14.93 18.55
C ASN C 256 -3.29 14.72 17.24
N LYS C 257 -2.09 15.30 17.15
CA LYS C 257 -1.26 15.17 15.95
C LYS C 257 -0.79 13.74 15.72
N TRP C 258 -0.58 12.97 16.79
CA TRP C 258 -0.14 11.58 16.63
C TRP C 258 -1.23 10.70 16.04
N PHE C 259 -2.49 11.08 16.19
CA PHE C 259 -3.60 10.25 15.74
C PHE C 259 -4.49 10.99 14.75
N THR C 260 -3.87 11.56 13.71
CA THR C 260 -4.65 12.25 12.67
C THR C 260 -5.42 11.26 11.80
N ASP C 261 -4.81 10.14 11.45
CA ASP C 261 -5.45 9.15 10.58
C ASP C 261 -6.00 7.94 11.32
N THR C 262 -5.79 7.85 12.65
CA THR C 262 -6.27 6.71 13.41
C THR C 262 -7.78 6.76 13.58
N SER C 263 -8.45 5.66 13.26
CA SER C 263 -9.89 5.55 13.40
C SER C 263 -10.30 5.35 14.86
N ILE C 264 -11.48 5.87 15.19
CA ILE C 264 -12.07 5.77 16.52
C ILE C 264 -13.36 4.96 16.43
N ILE C 265 -13.45 3.92 17.26
CA ILE C 265 -14.67 3.13 17.43
C ILE C 265 -15.32 3.57 18.73
N LEU C 266 -16.56 4.05 18.66
CA LEU C 266 -17.21 4.72 19.78
C LEU C 266 -18.29 3.83 20.35
N PHE C 267 -18.15 3.47 21.64
CA PHE C 267 -19.14 2.68 22.34
C PHE C 267 -19.93 3.53 23.34
N LEU C 268 -21.25 3.46 23.23
CA LEU C 268 -22.18 4.18 24.11
C LEU C 268 -22.78 3.16 25.09
N ASN C 269 -22.20 3.10 26.29
CA ASN C 269 -22.58 2.16 27.34
C ASN C 269 -23.83 2.63 28.08
N LYS C 270 -24.38 1.71 28.89
CA LYS C 270 -25.51 1.96 29.79
C LYS C 270 -26.78 2.39 29.05
N LYS C 271 -27.12 1.64 27.99
CA LYS C 271 -28.33 1.91 27.23
C LYS C 271 -29.60 1.71 28.06
N ASP C 272 -29.64 0.63 28.84
CA ASP C 272 -30.82 0.31 29.66
C ASP C 272 -31.05 1.36 30.73
N LEU C 273 -29.99 1.81 31.40
CA LEU C 273 -30.14 2.86 32.41
C LEU C 273 -30.52 4.19 31.78
N PHE C 274 -29.95 4.49 30.60
CA PHE C 274 -30.25 5.75 29.92
C PHE C 274 -31.70 5.83 29.47
N GLU C 275 -32.27 4.70 29.03
CA GLU C 275 -33.65 4.68 28.54
C GLU C 275 -34.64 5.03 29.66
N GLU C 276 -34.41 4.49 30.86
CA GLU C 276 -35.23 4.87 32.01
C GLU C 276 -34.94 6.30 32.47
N LYS C 277 -33.66 6.70 32.47
CA LYS C 277 -33.25 7.98 33.02
C LYS C 277 -33.76 9.16 32.18
N ILE C 278 -33.78 8.99 30.85
CA ILE C 278 -34.25 10.08 29.98
C ILE C 278 -35.74 10.34 30.20
N LYS C 279 -36.51 9.30 30.53
CA LYS C 279 -37.89 9.49 30.97
C LYS C 279 -37.93 10.15 32.34
N LYS C 280 -37.05 9.70 33.25
CA LYS C 280 -37.02 10.26 34.60
C LYS C 280 -36.51 11.70 34.62
N SER C 281 -35.47 12.00 33.85
CA SER C 281 -34.85 13.32 33.87
C SER C 281 -34.74 13.88 32.47
N PRO C 282 -35.13 15.14 32.24
CA PRO C 282 -35.01 15.74 30.92
C PRO C 282 -33.56 15.99 30.53
N LEU C 283 -33.34 16.06 29.21
CA LEU C 283 -32.03 16.30 28.63
C LEU C 283 -31.73 17.80 28.51
N THR C 284 -32.66 18.66 28.90
CA THR C 284 -32.47 20.11 28.82
C THR C 284 -31.39 20.61 29.77
N ILE C 285 -31.18 19.93 30.90
CA ILE C 285 -30.25 20.40 31.92
C ILE C 285 -28.80 20.36 31.42
N CYS C 286 -28.40 19.27 30.77
CA CYS C 286 -27.02 19.14 30.28
C CYS C 286 -26.79 19.99 29.03
N TYR C 287 -27.76 20.07 28.14
CA TYR C 287 -27.62 20.89 26.92
C TYR C 287 -28.76 21.88 26.85
N PRO C 288 -28.50 23.18 27.00
CA PRO C 288 -29.57 24.17 26.83
C PRO C 288 -30.03 24.33 25.39
N GLU C 289 -29.12 24.15 24.42
CA GLU C 289 -29.45 24.36 23.01
C GLU C 289 -30.47 23.35 22.51
N TYR C 290 -30.39 22.10 22.98
CA TYR C 290 -31.31 21.05 22.56
C TYR C 290 -32.73 21.35 23.01
N ALA C 291 -33.67 21.35 22.06
CA ALA C 291 -35.07 21.64 22.33
C ALA C 291 -36.00 20.52 21.85
N GLY C 292 -35.45 19.35 21.52
CA GLY C 292 -36.26 18.26 21.04
C GLY C 292 -37.10 17.61 22.13
N SER C 293 -38.02 16.76 21.68
CA SER C 293 -38.91 16.06 22.58
C SER C 293 -38.16 15.01 23.41
N ASN C 294 -38.80 14.56 24.49
CA ASN C 294 -38.20 13.58 25.39
C ASN C 294 -38.44 12.18 24.86
N THR C 295 -37.69 11.85 23.81
CA THR C 295 -37.76 10.56 23.14
C THR C 295 -36.36 9.96 23.11
N TYR C 296 -36.27 8.65 23.37
CA TYR C 296 -34.99 7.95 23.37
C TYR C 296 -34.29 8.02 22.01
N GLU C 297 -35.05 7.86 20.92
CA GLU C 297 -34.46 7.86 19.59
C GLU C 297 -33.86 9.20 19.22
N GLU C 298 -34.56 10.30 19.55
CA GLU C 298 -34.05 11.63 19.25
C GLU C 298 -32.84 11.97 20.11
N ALA C 299 -32.87 11.58 21.39
CA ALA C 299 -31.76 11.86 22.28
C ALA C 299 -30.52 11.07 21.88
N ALA C 300 -30.68 9.81 21.49
CA ALA C 300 -29.55 9.01 21.04
C ALA C 300 -29.00 9.52 19.72
N ALA C 301 -29.88 9.88 18.78
CA ALA C 301 -29.45 10.45 17.51
C ALA C 301 -28.89 11.85 17.64
N TYR C 302 -29.10 12.52 18.78
CA TYR C 302 -28.51 13.82 19.00
C TYR C 302 -27.15 13.71 19.68
N ILE C 303 -27.03 12.81 20.66
CA ILE C 303 -25.73 12.56 21.31
C ILE C 303 -24.73 11.99 20.30
N GLN C 304 -25.21 11.12 19.39
CA GLN C 304 -24.35 10.56 18.35
C GLN C 304 -23.82 11.65 17.42
N CYS C 305 -24.70 12.53 16.93
CA CYS C 305 -24.28 13.58 16.02
C CYS C 305 -23.41 14.62 16.70
N GLN C 306 -23.67 14.93 17.98
CA GLN C 306 -22.80 15.84 18.72
C GLN C 306 -21.40 15.25 18.90
N PHE C 307 -21.31 13.94 19.14
CA PHE C 307 -19.99 13.29 19.20
C PHE C 307 -19.31 13.28 17.84
N GLU C 308 -20.06 13.00 16.77
CA GLU C 308 -19.48 12.95 15.43
C GLU C 308 -19.02 14.32 14.92
N ASP C 309 -19.69 15.40 15.34
CA ASP C 309 -19.31 16.73 14.86
C ASP C 309 -18.01 17.25 15.47
N LEU C 310 -17.45 16.58 16.48
CA LEU C 310 -16.13 16.95 16.99
C LEU C 310 -14.99 16.56 16.06
N ASN C 311 -15.24 15.70 15.08
CA ASN C 311 -14.21 15.33 14.11
C ASN C 311 -13.97 16.49 13.15
N LYS C 312 -12.74 17.01 13.13
CA LYS C 312 -12.36 18.09 12.24
C LYS C 312 -11.68 17.60 10.98
N ARG C 313 -11.59 16.29 10.77
CA ARG C 313 -11.00 15.69 9.58
C ARG C 313 -11.91 14.57 9.09
N LYS C 314 -13.18 14.91 8.90
CA LYS C 314 -14.25 13.94 8.63
C LYS C 314 -14.01 13.14 7.36
N ASP C 315 -13.41 13.77 6.34
CA ASP C 315 -13.14 13.08 5.08
C ASP C 315 -12.10 11.98 5.23
N THR C 316 -11.18 12.13 6.19
CA THR C 316 -10.09 11.16 6.36
C THR C 316 -10.33 10.21 7.54
N LYS C 317 -11.19 10.59 8.50
CA LYS C 317 -11.34 9.86 9.75
C LYS C 317 -12.81 9.53 9.98
N GLU C 318 -13.17 8.27 9.78
CA GLU C 318 -14.48 7.78 10.15
C GLU C 318 -14.56 7.53 11.65
N ILE C 319 -15.76 7.64 12.20
CA ILE C 319 -16.06 7.33 13.59
C ILE C 319 -17.14 6.27 13.60
N TYR C 320 -16.86 5.14 14.25
CA TYR C 320 -17.76 3.99 14.26
C TYR C 320 -18.51 3.98 15.58
N THR C 321 -19.81 4.26 15.53
CA THR C 321 -20.65 4.43 16.72
C THR C 321 -21.54 3.20 16.89
N HIS C 322 -21.63 2.71 18.13
CA HIS C 322 -22.45 1.54 18.42
C HIS C 322 -23.03 1.69 19.82
N PHE C 323 -24.25 1.18 19.99
CA PHE C 323 -24.96 1.22 21.27
C PHE C 323 -24.73 -0.09 22.01
N THR C 324 -24.33 0.01 23.27
CA THR C 324 -23.84 -1.13 24.03
C THR C 324 -24.82 -1.48 25.15
N CYS C 325 -25.14 -2.77 25.27
CA CYS C 325 -25.95 -3.29 26.35
C CYS C 325 -25.25 -4.51 26.93
N SER C 326 -25.70 -4.93 28.11
CA SER C 326 -25.18 -6.15 28.72
C SER C 326 -25.63 -7.40 27.96
N THR C 327 -26.88 -7.38 27.46
CA THR C 327 -27.49 -8.57 26.90
C THR C 327 -26.86 -8.96 25.56
N ASP C 328 -26.75 -8.01 24.64
CA ASP C 328 -26.33 -8.32 23.28
C ASP C 328 -24.84 -8.65 23.19
N THR C 329 -24.51 -9.52 22.23
CA THR C 329 -23.13 -9.97 22.02
C THR C 329 -22.60 -9.56 20.65
N LYS C 330 -23.20 -8.55 20.03
CA LYS C 330 -22.82 -8.10 18.70
C LYS C 330 -21.67 -7.08 18.71
N ASN C 331 -21.10 -6.78 19.87
CA ASN C 331 -20.01 -5.80 19.94
C ASN C 331 -18.75 -6.32 19.26
N VAL C 332 -18.47 -7.62 19.42
CA VAL C 332 -17.28 -8.25 18.82
C VAL C 332 -17.35 -8.18 17.30
N GLN C 333 -18.49 -8.60 16.73
CA GLN C 333 -18.76 -8.47 15.30
C GLN C 333 -18.59 -7.04 14.80
N PHE C 334 -19.05 -6.05 15.58
CA PHE C 334 -18.89 -4.64 15.19
C PHE C 334 -17.43 -4.22 15.16
N VAL C 335 -16.65 -4.66 16.16
CA VAL C 335 -15.22 -4.37 16.20
C VAL C 335 -14.52 -5.03 15.02
N PHE C 336 -14.92 -6.27 14.69
CA PHE C 336 -14.33 -6.98 13.56
C PHE C 336 -14.64 -6.29 12.24
N ASP C 337 -15.87 -5.78 12.08
CA ASP C 337 -16.24 -5.07 10.86
C ASP C 337 -15.48 -3.75 10.72
N ALA C 338 -15.34 -3.01 11.82
CA ALA C 338 -14.61 -1.74 11.78
C ALA C 338 -13.13 -1.97 11.50
N VAL C 339 -12.52 -2.98 12.14
CA VAL C 339 -11.12 -3.30 11.90
C VAL C 339 -10.90 -3.78 10.47
N THR C 340 -11.86 -4.55 9.92
CA THR C 340 -11.78 -4.98 8.53
C THR C 340 -11.83 -3.80 7.57
N ASP C 341 -12.68 -2.80 7.87
CA ASP C 341 -12.74 -1.59 7.05
C ASP C 341 -11.42 -0.80 7.15
N VAL C 342 -10.83 -0.74 8.34
CA VAL C 342 -9.55 -0.03 8.52
C VAL C 342 -8.42 -0.75 7.77
N ILE C 343 -8.41 -2.09 7.79
CA ILE C 343 -7.40 -2.85 7.06
C ILE C 343 -7.55 -2.66 5.55
N ILE C 344 -8.81 -2.60 5.06
CA ILE C 344 -9.03 -2.31 3.64
C ILE C 344 -8.55 -0.90 3.29
N LYS C 345 -8.77 0.06 4.19
CA LYS C 345 -8.24 1.43 4.01
C LYS C 345 -6.72 1.44 3.93
N ASN C 346 -6.07 0.71 4.84
CA ASN C 346 -4.61 0.65 4.87
C ASN C 346 -4.06 -0.05 3.64
N ASN C 347 -4.75 -1.09 3.15
CA ASN C 347 -4.33 -1.76 1.93
C ASN C 347 -4.49 -0.88 0.70
N LEU C 348 -5.55 -0.06 0.66
CA LEU C 348 -5.72 0.90 -0.43
C LEU C 348 -4.62 1.97 -0.40
N LYS C 349 -4.25 2.45 0.79
CA LYS C 349 -3.12 3.38 0.89
C LYS C 349 -1.80 2.70 0.51
N ASP C 350 -1.63 1.43 0.89
CA ASP C 350 -0.42 0.67 0.57
C ASP C 350 -0.27 0.48 -0.93
N CYS C 351 -1.36 0.12 -1.62
CA CYS C 351 -1.33 -0.02 -3.07
C CYS C 351 -1.10 1.32 -3.76
N GLY C 352 -1.59 2.41 -3.17
CA GLY C 352 -1.44 3.73 -3.75
C GLY C 352 -2.61 4.21 -4.58
N LEU C 353 -3.68 3.42 -4.68
CA LEU C 353 -4.88 3.91 -5.36
C LEU C 353 -5.57 5.00 -4.57
N PHE C 354 -5.57 4.88 -3.24
CA PHE C 354 -6.18 5.88 -2.37
C PHE C 354 -5.11 6.69 -1.66
N GLU D 16 -0.55 31.35 59.57
CA GLU D 16 0.63 30.52 59.70
C GLU D 16 1.13 30.04 58.34
N LEU D 17 0.20 29.51 57.53
CA LEU D 17 0.54 29.05 56.20
C LEU D 17 0.99 30.20 55.30
N ASP D 18 0.31 31.34 55.40
CA ASP D 18 0.70 32.52 54.64
C ASP D 18 2.07 33.04 55.06
N GLN D 19 2.37 32.96 56.37
CA GLN D 19 3.68 33.36 56.87
C GLN D 19 4.78 32.44 56.34
N LEU D 20 4.51 31.13 56.28
CA LEU D 20 5.48 30.18 55.74
C LEU D 20 5.70 30.39 54.24
N ARG D 21 4.62 30.67 53.50
CA ARG D 21 4.75 30.95 52.06
C ARG D 21 5.51 32.24 51.81
N GLN D 22 5.26 33.27 52.63
CA GLN D 22 5.98 34.53 52.51
C GLN D 22 7.46 34.36 52.86
N GLU D 23 7.77 33.54 53.87
CA GLU D 23 9.14 33.24 54.21
C GLU D 23 9.84 32.47 53.10
N ALA D 24 9.13 31.55 52.46
CA ALA D 24 9.68 30.82 51.32
C ALA D 24 9.95 31.74 50.14
N GLU D 25 9.05 32.68 49.88
CA GLU D 25 9.27 33.67 48.82
C GLU D 25 10.46 34.58 49.13
N GLN D 26 10.62 34.98 50.40
CA GLN D 26 11.77 35.79 50.78
C GLN D 26 13.07 35.02 50.63
N LEU D 27 13.08 33.73 50.99
CA LEU D 27 14.28 32.90 50.80
C LEU D 27 14.59 32.71 49.31
N LYS D 28 13.57 32.55 48.48
CA LYS D 28 13.78 32.46 47.03
C LYS D 28 14.33 33.76 46.47
N ASN D 29 13.85 34.90 46.96
CA ASN D 29 14.39 36.20 46.56
C ASN D 29 15.85 36.36 47.01
N GLN D 30 16.17 35.84 48.20
CA GLN D 30 17.55 35.84 48.68
C GLN D 30 18.46 35.01 47.80
N ILE D 31 17.99 33.81 47.41
CA ILE D 31 18.74 32.94 46.50
C ILE D 31 18.94 33.61 45.14
N ARG D 32 17.90 34.29 44.63
CA ARG D 32 18.01 35.01 43.35
C ARG D 32 19.00 36.17 43.45
N ASP D 33 18.99 36.89 44.57
CA ASP D 33 19.93 38.00 44.77
C ASP D 33 21.36 37.48 44.86
N ALA D 34 21.56 36.35 45.54
CA ALA D 34 22.90 35.75 45.62
C ALA D 34 23.39 35.26 44.26
N ARG D 35 22.49 34.68 43.45
CA ARG D 35 22.86 34.27 42.10
C ARG D 35 23.20 35.46 41.21
N LYS D 36 22.44 36.55 41.36
CA LYS D 36 22.75 37.78 40.63
C LYS D 36 24.09 38.37 41.07
N ALA D 37 24.39 38.31 42.37
CA ALA D 37 25.65 38.82 42.89
C ALA D 37 26.84 38.03 42.39
N CYS D 38 26.79 36.70 42.51
CA CYS D 38 27.89 35.83 42.08
C CYS D 38 28.18 35.95 40.58
N ALA D 39 27.15 36.19 39.76
CA ALA D 39 27.31 36.20 38.30
C ALA D 39 27.84 37.57 37.84
N ASP D 40 29.12 37.80 38.15
CA ASP D 40 29.76 39.03 37.69
C ASP D 40 30.07 38.99 36.20
N ALA D 41 30.53 37.84 35.70
CA ALA D 41 30.96 37.70 34.32
C ALA D 41 30.31 36.48 33.68
N THR D 42 30.35 36.45 32.35
CA THR D 42 29.75 35.37 31.57
C THR D 42 30.84 34.51 30.95
N LEU D 43 30.57 33.20 30.89
CA LEU D 43 31.46 32.21 30.28
C LEU D 43 31.90 32.59 28.86
N SER D 44 31.01 33.21 28.07
CA SER D 44 31.34 33.64 26.71
C SER D 44 32.46 34.68 26.70
N GLN D 45 32.43 35.62 27.64
CA GLN D 45 33.51 36.61 27.75
C GLN D 45 34.81 35.97 28.20
N ILE D 46 34.74 35.01 29.11
CA ILE D 46 35.93 34.36 29.65
C ILE D 46 36.63 33.53 28.58
N THR D 47 35.88 32.81 27.75
CA THR D 47 36.43 31.89 26.77
C THR D 47 36.65 32.54 25.40
N ASN D 48 36.71 33.87 25.34
CA ASN D 48 36.87 34.58 24.07
C ASN D 48 38.25 34.36 23.45
N ASN D 49 39.26 34.00 24.25
CA ASN D 49 40.62 33.91 23.77
C ASN D 49 40.96 32.54 23.19
N ILE D 50 40.14 31.52 23.46
CA ILE D 50 40.42 30.17 22.99
C ILE D 50 40.16 30.08 21.50
N ASP D 51 41.01 29.33 20.78
CA ASP D 51 40.81 29.11 19.35
C ASP D 51 39.55 28.29 19.10
N PRO D 52 38.83 28.59 18.00
CA PRO D 52 37.70 27.73 17.61
C PRO D 52 38.12 26.31 17.25
N VAL D 53 37.16 25.40 17.38
CA VAL D 53 37.41 23.99 17.04
C VAL D 53 37.43 23.75 15.54
N GLY D 54 36.87 24.66 14.74
CA GLY D 54 36.83 24.44 13.30
C GLY D 54 35.63 23.61 12.87
N ARG D 55 35.84 22.81 11.83
CA ARG D 55 34.79 21.98 11.25
C ARG D 55 34.93 20.55 11.74
N ILE D 56 33.93 20.08 12.48
CA ILE D 56 33.90 18.71 12.98
C ILE D 56 33.21 17.84 11.93
N GLN D 57 34.00 17.04 11.22
CA GLN D 57 33.51 16.21 10.13
C GLN D 57 33.54 14.75 10.56
N MET D 58 32.39 14.23 10.99
CA MET D 58 32.23 12.86 11.42
C MET D 58 31.50 12.06 10.35
N ARG D 59 31.93 10.82 10.15
CA ARG D 59 31.37 9.95 9.12
C ARG D 59 30.84 8.67 9.75
N THR D 60 29.73 8.17 9.19
CA THR D 60 29.16 6.90 9.59
C THR D 60 30.10 5.75 9.26
N ARG D 61 30.51 5.01 10.28
CA ARG D 61 31.38 3.85 10.12
C ARG D 61 30.58 2.55 10.05
N ARG D 62 29.84 2.23 11.10
CA ARG D 62 29.07 1.00 11.18
C ARG D 62 27.58 1.33 11.28
N THR D 63 26.78 0.69 10.44
CA THR D 63 25.33 0.78 10.50
C THR D 63 24.77 -0.56 10.97
N LEU D 64 23.94 -0.54 12.01
CA LEU D 64 23.43 -1.74 12.64
C LEU D 64 21.97 -1.93 12.24
N ARG D 65 21.67 -3.05 11.59
CA ARG D 65 20.31 -3.39 11.18
C ARG D 65 19.83 -4.61 11.97
N GLY D 66 18.52 -4.76 12.06
CA GLY D 66 17.98 -5.86 12.84
C GLY D 66 16.77 -5.48 13.67
N HIS D 67 16.76 -4.25 14.19
CA HIS D 67 15.61 -3.77 14.94
C HIS D 67 14.47 -3.49 13.98
N LEU D 68 13.34 -4.18 14.16
CA LEU D 68 12.18 -3.98 13.31
C LEU D 68 11.23 -2.91 13.84
N ALA D 69 11.61 -2.21 14.90
CA ALA D 69 10.76 -1.18 15.49
C ALA D 69 11.64 -0.06 16.04
N LYS D 70 11.01 0.99 16.54
CA LYS D 70 11.71 2.19 17.01
C LYS D 70 12.63 1.89 18.19
N ILE D 71 13.84 2.44 18.13
CA ILE D 71 14.87 2.21 19.14
C ILE D 71 14.76 3.32 20.18
N TYR D 72 14.32 2.97 21.39
CA TYR D 72 14.11 4.00 22.41
C TYR D 72 15.39 4.38 23.15
N ALA D 73 16.25 3.42 23.48
CA ALA D 73 17.37 3.74 24.36
C ALA D 73 18.58 2.88 24.03
N MET D 74 19.75 3.39 24.40
CA MET D 74 21.01 2.67 24.28
C MET D 74 21.94 3.07 25.42
N HIS D 75 22.88 2.18 25.75
CA HIS D 75 23.91 2.48 26.74
C HIS D 75 25.21 1.82 26.29
N TRP D 76 26.34 2.37 26.74
CA TRP D 76 27.67 1.91 26.37
C TRP D 76 28.33 1.17 27.53
N GLY D 77 28.93 0.02 27.21
CA GLY D 77 29.72 -0.70 28.18
C GLY D 77 31.05 -0.02 28.47
N THR D 78 31.64 -0.41 29.61
CA THR D 78 32.93 0.14 30.02
C THR D 78 34.05 -0.26 29.05
N ASP D 79 34.02 -1.50 28.57
CA ASP D 79 35.03 -1.98 27.63
C ASP D 79 34.97 -1.27 26.28
N SER D 80 33.78 -0.81 25.89
CA SER D 80 33.39 -0.10 24.65
C SER D 80 33.27 -1.08 23.48
N ARG D 81 33.38 -2.37 23.74
CA ARG D 81 33.19 -3.41 22.73
C ARG D 81 31.75 -3.91 22.69
N LEU D 82 30.95 -3.62 23.71
CA LEU D 82 29.59 -4.14 23.81
C LEU D 82 28.61 -2.98 23.92
N LEU D 83 27.52 -3.07 23.17
CA LEU D 83 26.49 -2.04 23.11
C LEU D 83 25.14 -2.67 23.42
N VAL D 84 24.34 -2.03 24.25
CA VAL D 84 23.00 -2.53 24.54
C VAL D 84 21.99 -1.58 23.90
N SER D 85 20.88 -2.13 23.41
CA SER D 85 19.86 -1.30 22.80
C SER D 85 18.48 -1.89 23.06
N ALA D 86 17.51 -1.01 23.23
CA ALA D 86 16.13 -1.37 23.57
C ALA D 86 15.19 -0.90 22.48
N SER D 87 14.24 -1.74 22.08
CA SER D 87 13.36 -1.34 20.99
C SER D 87 11.90 -1.66 21.31
N GLN D 88 11.02 -1.04 20.51
CA GLN D 88 9.57 -1.14 20.64
C GLN D 88 9.04 -2.55 20.37
N ASP D 89 9.79 -3.39 19.65
CA ASP D 89 9.36 -4.77 19.46
C ASP D 89 9.54 -5.67 20.73
N GLY D 90 9.88 -5.11 21.89
CA GLY D 90 9.99 -5.87 23.10
C GLY D 90 11.29 -6.63 23.23
N LYS D 91 12.36 -6.15 22.59
CA LYS D 91 13.64 -6.83 22.66
C LYS D 91 14.78 -5.88 23.03
N LEU D 92 15.73 -6.46 23.75
CA LEU D 92 17.07 -5.90 23.97
C LEU D 92 18.05 -6.63 23.08
N ILE D 93 18.89 -5.88 22.37
CA ILE D 93 19.96 -6.48 21.59
C ILE D 93 21.30 -5.96 22.12
N ILE D 94 22.19 -6.90 22.44
CA ILE D 94 23.54 -6.61 22.88
C ILE D 94 24.45 -6.88 21.69
N TRP D 95 24.86 -5.79 21.06
CA TRP D 95 25.70 -5.68 19.88
C TRP D 95 27.19 -5.72 20.21
N ASP D 96 27.97 -6.00 19.17
CA ASP D 96 29.41 -5.83 19.13
C ASP D 96 29.69 -4.75 18.10
N SER D 97 30.29 -3.64 18.55
CA SER D 97 30.48 -2.48 17.69
C SER D 97 31.48 -2.74 16.57
N TYR D 98 32.54 -3.49 16.86
CA TYR D 98 33.63 -3.69 15.89
C TYR D 98 33.18 -4.49 14.68
N THR D 99 32.54 -5.64 14.90
CA THR D 99 32.27 -6.60 13.83
C THR D 99 30.81 -6.62 13.40
N THR D 100 29.95 -5.77 14.00
CA THR D 100 28.50 -5.70 13.75
C THR D 100 27.82 -7.06 13.98
N ASN D 101 28.19 -7.73 15.06
CA ASN D 101 27.61 -9.01 15.41
C ASN D 101 26.69 -8.86 16.62
N LYS D 102 25.64 -9.66 16.64
CA LYS D 102 24.67 -9.65 17.73
C LYS D 102 25.14 -10.66 18.77
N VAL D 103 25.70 -10.16 19.88
CA VAL D 103 26.17 -11.03 20.94
C VAL D 103 24.99 -11.65 21.69
N HIS D 104 23.97 -10.86 22.00
CA HIS D 104 22.81 -11.38 22.68
C HIS D 104 21.52 -10.74 22.17
N ALA D 105 20.44 -11.51 22.20
CA ALA D 105 19.09 -11.01 21.98
C ALA D 105 18.20 -11.49 23.11
N ILE D 106 17.50 -10.57 23.75
CA ILE D 106 16.67 -10.86 24.91
C ILE D 106 15.24 -10.46 24.57
N PRO D 107 14.28 -11.40 24.55
CA PRO D 107 12.87 -11.03 24.37
C PRO D 107 12.21 -10.65 25.70
N LEU D 108 11.85 -9.38 25.83
CA LEU D 108 11.30 -8.88 27.08
C LEU D 108 9.83 -9.24 27.22
N ARG D 109 9.39 -9.38 28.48
CA ARG D 109 8.00 -9.72 28.77
C ARG D 109 7.05 -8.59 28.37
N SER D 110 7.45 -7.34 28.57
CA SER D 110 6.63 -6.19 28.21
C SER D 110 7.22 -5.54 26.96
N SER D 111 6.35 -5.29 25.97
CA SER D 111 6.78 -4.72 24.70
C SER D 111 7.26 -3.27 24.86
N TRP D 112 6.56 -2.50 25.69
CA TRP D 112 6.90 -1.09 25.87
C TRP D 112 8.17 -0.98 26.71
N VAL D 113 9.24 -0.46 26.11
CA VAL D 113 10.56 -0.42 26.75
C VAL D 113 11.11 1.00 26.56
N MET D 114 10.87 1.87 27.54
CA MET D 114 11.34 3.24 27.42
C MET D 114 12.84 3.37 27.66
N THR D 115 13.40 2.60 28.59
CA THR D 115 14.81 2.79 28.97
C THR D 115 15.51 1.45 29.17
N CYS D 116 16.83 1.48 29.00
CA CYS D 116 17.69 0.33 29.23
C CYS D 116 19.02 0.80 29.83
N ALA D 117 19.72 -0.12 30.49
CA ALA D 117 20.99 0.20 31.11
C ALA D 117 21.92 -1.02 31.07
N TYR D 118 23.21 -0.75 31.06
CA TYR D 118 24.26 -1.76 31.04
C TYR D 118 25.13 -1.60 32.28
N ALA D 119 25.36 -2.69 33.01
CA ALA D 119 26.14 -2.65 34.23
C ALA D 119 27.61 -2.33 33.94
N PRO D 120 28.31 -1.66 34.86
CA PRO D 120 29.74 -1.40 34.66
C PRO D 120 30.60 -2.65 34.61
N SER D 121 30.29 -3.64 35.44
CA SER D 121 30.98 -4.93 35.36
C SER D 121 30.63 -5.67 34.08
N GLY D 122 29.41 -5.49 33.57
CA GLY D 122 28.94 -6.23 32.41
C GLY D 122 28.20 -7.51 32.73
N ASN D 123 28.01 -7.82 34.01
CA ASN D 123 27.30 -9.03 34.39
C ASN D 123 25.80 -8.93 34.08
N TYR D 124 25.22 -7.75 34.25
CA TYR D 124 23.77 -7.59 34.23
C TYR D 124 23.37 -6.50 33.24
N VAL D 125 22.10 -6.54 32.83
CA VAL D 125 21.45 -5.44 32.12
C VAL D 125 20.12 -5.15 32.82
N ALA D 126 19.56 -3.98 32.50
CA ALA D 126 18.27 -3.58 33.06
C ALA D 126 17.38 -3.01 31.97
N CYS D 127 16.07 -3.11 32.18
CA CYS D 127 15.13 -2.45 31.29
C CYS D 127 13.93 -1.95 32.07
N GLY D 128 13.30 -0.89 31.55
CA GLY D 128 12.12 -0.32 32.17
C GLY D 128 11.12 0.11 31.11
N GLY D 129 9.86 0.19 31.52
CA GLY D 129 8.81 0.46 30.57
C GLY D 129 7.54 0.97 31.23
N LEU D 130 6.46 0.98 30.44
CA LEU D 130 5.13 1.34 30.91
C LEU D 130 4.52 0.33 31.88
N ASP D 131 5.10 -0.89 31.97
CA ASP D 131 4.67 -1.88 32.96
C ASP D 131 4.97 -1.46 34.39
N ASN D 132 5.88 -0.49 34.57
CA ASN D 132 6.33 0.19 35.81
C ASN D 132 7.27 -0.70 36.61
N ILE D 133 7.69 -1.84 36.07
CA ILE D 133 8.54 -2.80 36.77
C ILE D 133 9.89 -2.79 36.08
N CYS D 134 10.95 -2.50 36.83
CA CYS D 134 12.29 -2.64 36.31
C CYS D 134 12.67 -4.11 36.25
N SER D 135 13.49 -4.47 35.27
CA SER D 135 13.84 -5.87 35.05
C SER D 135 15.34 -6.01 34.92
N ILE D 136 15.95 -6.67 35.91
CA ILE D 136 17.38 -6.98 35.92
C ILE D 136 17.59 -8.36 35.32
N TYR D 137 18.42 -8.45 34.29
CA TYR D 137 18.74 -9.69 33.58
C TYR D 137 20.21 -10.05 33.77
N ASN D 138 20.46 -11.35 33.94
CA ASN D 138 21.78 -11.90 34.21
C ASN D 138 22.36 -12.52 32.95
N LEU D 139 23.57 -12.10 32.57
CA LEU D 139 24.22 -12.56 31.35
C LEU D 139 25.25 -13.67 31.60
N LYS D 140 25.57 -13.97 32.85
CA LYS D 140 26.63 -14.92 33.19
C LYS D 140 26.12 -16.30 33.53
N THR D 141 24.82 -16.56 33.31
CA THR D 141 24.21 -17.85 33.60
C THR D 141 24.92 -19.00 32.88
N ARG D 142 25.20 -20.08 33.63
CA ARG D 142 25.94 -21.22 33.11
C ARG D 142 25.17 -21.98 32.01
N GLU D 143 23.83 -21.96 32.07
CA GLU D 143 22.98 -22.60 31.07
C GLU D 143 23.31 -22.12 29.65
N GLY D 144 23.27 -20.82 29.43
CA GLY D 144 23.65 -20.26 28.15
C GLY D 144 22.75 -19.13 27.70
N ASN D 145 21.46 -19.26 27.98
CA ASN D 145 20.49 -18.21 27.68
C ASN D 145 20.44 -17.17 28.81
N VAL D 146 20.01 -15.97 28.44
CA VAL D 146 19.80 -14.91 29.44
C VAL D 146 18.58 -15.27 30.27
N ARG D 147 18.70 -15.15 31.59
CA ARG D 147 17.65 -15.52 32.52
C ARG D 147 17.22 -14.30 33.31
N VAL D 148 15.90 -14.16 33.48
CA VAL D 148 15.34 -13.08 34.29
C VAL D 148 15.82 -13.26 35.73
N SER D 149 16.55 -12.26 36.24
CA SER D 149 17.08 -12.34 37.60
C SER D 149 16.17 -11.64 38.60
N ARG D 150 15.86 -10.36 38.37
CA ARG D 150 15.05 -9.61 39.32
C ARG D 150 13.98 -8.80 38.60
N GLU D 151 12.83 -8.66 39.27
CA GLU D 151 11.78 -7.72 38.88
C GLU D 151 11.52 -6.76 40.03
N LEU D 152 11.79 -5.49 39.80
CA LEU D 152 11.67 -4.44 40.81
C LEU D 152 10.35 -3.72 40.60
N ALA D 153 9.39 -3.98 41.48
CA ALA D 153 8.06 -3.40 41.43
C ALA D 153 7.85 -2.45 42.61
N GLY D 154 7.04 -1.43 42.39
CA GLY D 154 6.77 -0.46 43.44
C GLY D 154 6.54 0.96 42.97
N HIS D 155 7.10 1.33 41.83
CA HIS D 155 6.73 2.59 41.20
C HIS D 155 5.31 2.53 40.67
N THR D 156 4.60 3.65 40.77
CA THR D 156 3.23 3.75 40.29
C THR D 156 3.12 4.52 38.98
N GLY D 157 4.24 4.94 38.40
CA GLY D 157 4.25 5.58 37.11
C GLY D 157 5.29 4.94 36.20
N TYR D 158 5.32 5.42 34.96
CA TYR D 158 6.19 4.83 33.95
C TYR D 158 7.66 5.10 34.27
N LEU D 159 8.50 4.09 34.08
CA LEU D 159 9.93 4.22 34.33
C LEU D 159 10.58 4.92 33.13
N SER D 160 11.28 6.02 33.40
CA SER D 160 11.86 6.82 32.33
C SER D 160 13.36 6.64 32.19
N CYS D 161 14.08 6.34 33.26
CA CYS D 161 15.52 6.11 33.18
C CYS D 161 15.96 5.20 34.31
N CYS D 162 17.03 4.46 34.07
CA CYS D 162 17.66 3.61 35.07
C CYS D 162 19.15 3.53 34.78
N ARG D 163 19.95 3.52 35.85
CA ARG D 163 21.41 3.45 35.74
C ARG D 163 21.97 2.61 36.88
N PHE D 164 22.82 1.65 36.54
CA PHE D 164 23.51 0.87 37.56
C PHE D 164 24.57 1.70 38.27
N LEU D 165 24.63 1.56 39.60
CA LEU D 165 25.77 2.03 40.37
C LEU D 165 26.83 0.94 40.47
N ASP D 166 26.43 -0.26 40.85
CA ASP D 166 27.27 -1.44 40.87
C ASP D 166 26.39 -2.64 40.57
N ASP D 167 26.87 -3.84 40.90
CA ASP D 167 26.10 -5.05 40.64
C ASP D 167 24.96 -5.27 41.62
N ASN D 168 24.92 -4.55 42.74
CA ASN D 168 23.91 -4.78 43.77
C ASN D 168 22.93 -3.63 43.93
N GLN D 169 23.24 -2.44 43.41
CA GLN D 169 22.39 -1.27 43.59
C GLN D 169 22.10 -0.62 42.24
N ILE D 170 20.88 -0.10 42.09
CA ILE D 170 20.47 0.60 40.87
C ILE D 170 19.61 1.78 41.25
N VAL D 171 19.69 2.86 40.47
CA VAL D 171 18.85 4.04 40.67
C VAL D 171 17.86 4.12 39.51
N THR D 172 16.61 4.45 39.83
CA THR D 172 15.55 4.56 38.83
C THR D 172 14.80 5.87 38.99
N SER D 173 14.29 6.37 37.86
CA SER D 173 13.40 7.52 37.84
C SER D 173 12.09 7.13 37.17
N SER D 174 11.00 7.73 37.65
CA SER D 174 9.67 7.31 37.23
C SER D 174 8.75 8.51 37.06
N GLY D 175 7.63 8.27 36.37
CA GLY D 175 6.59 9.23 36.12
C GLY D 175 5.65 9.53 37.27
N ASP D 176 5.86 8.95 38.44
CA ASP D 176 5.08 9.29 39.63
C ASP D 176 5.70 10.44 40.43
N THR D 177 6.61 11.20 39.82
CA THR D 177 7.32 12.40 40.29
C THR D 177 8.40 12.05 41.30
N THR D 178 8.72 10.77 41.47
CA THR D 178 9.68 10.32 42.46
C THR D 178 10.85 9.63 41.77
N CYS D 179 11.93 9.43 42.54
CA CYS D 179 13.04 8.58 42.16
C CYS D 179 13.26 7.55 43.25
N ALA D 180 14.06 6.52 42.94
CA ALA D 180 14.28 5.48 43.93
C ALA D 180 15.65 4.85 43.77
N LEU D 181 16.13 4.29 44.87
CA LEU D 181 17.35 3.50 44.93
C LEU D 181 16.97 2.08 45.35
N TRP D 182 17.38 1.11 44.55
CA TRP D 182 16.94 -0.28 44.70
C TRP D 182 18.14 -1.15 45.00
N ASP D 183 18.00 -1.99 46.02
CA ASP D 183 18.94 -3.06 46.31
C ASP D 183 18.50 -4.28 45.52
N ILE D 184 19.34 -4.73 44.59
CA ILE D 184 18.97 -5.77 43.63
C ILE D 184 18.74 -7.11 44.34
N GLU D 185 19.59 -7.45 45.31
CA GLU D 185 19.47 -8.71 46.02
C GLU D 185 18.21 -8.74 46.91
N THR D 186 18.00 -7.68 47.68
CA THR D 186 16.82 -7.62 48.55
C THR D 186 15.55 -7.37 47.75
N GLY D 187 15.63 -6.58 46.69
CA GLY D 187 14.45 -6.23 45.91
C GLY D 187 13.48 -5.30 46.62
N GLN D 188 14.00 -4.31 47.35
CA GLN D 188 13.16 -3.36 48.07
C GLN D 188 13.61 -1.94 47.76
N GLN D 189 12.70 -1.00 47.97
CA GLN D 189 12.95 0.43 47.74
C GLN D 189 13.52 1.01 49.04
N THR D 190 14.84 0.92 49.18
CA THR D 190 15.51 1.36 50.41
C THR D 190 15.45 2.87 50.56
N THR D 191 15.72 3.61 49.49
CA THR D 191 15.73 5.07 49.52
C THR D 191 14.78 5.60 48.46
N THR D 192 13.92 6.54 48.87
CA THR D 192 12.98 7.19 47.96
C THR D 192 13.26 8.69 47.91
N PHE D 193 13.22 9.25 46.70
CA PHE D 193 13.48 10.67 46.47
C PHE D 193 12.17 11.32 46.03
N THR D 194 11.73 12.33 46.79
CA THR D 194 10.47 13.02 46.52
C THR D 194 10.70 14.52 46.53
N GLY D 195 9.79 15.24 45.89
CA GLY D 195 9.90 16.69 45.82
C GLY D 195 9.64 17.29 44.46
N HIS D 196 9.66 16.47 43.41
CA HIS D 196 9.28 16.96 42.09
C HIS D 196 7.76 17.08 41.98
N THR D 197 7.33 17.95 41.06
CA THR D 197 5.91 18.14 40.78
C THR D 197 5.54 17.71 39.36
N GLY D 198 6.49 17.16 38.60
CA GLY D 198 6.22 16.71 37.26
C GLY D 198 6.94 15.41 36.97
N ASP D 199 6.63 14.84 35.81
CA ASP D 199 7.21 13.56 35.39
C ASP D 199 8.72 13.68 35.22
N VAL D 200 9.47 12.89 35.98
CA VAL D 200 10.93 12.88 35.86
C VAL D 200 11.31 12.05 34.65
N MET D 201 12.08 12.64 33.74
CA MET D 201 12.32 12.03 32.43
C MET D 201 13.69 11.39 32.27
N SER D 202 14.72 11.89 32.96
CA SER D 202 16.06 11.33 32.77
C SER D 202 16.91 11.61 33.99
N LEU D 203 17.99 10.84 34.13
CA LEU D 203 18.99 11.07 35.15
C LEU D 203 20.36 10.72 34.58
N SER D 204 21.40 11.24 35.23
CA SER D 204 22.78 10.90 34.92
C SER D 204 23.49 10.57 36.22
N LEU D 205 24.67 9.95 36.12
CA LEU D 205 25.48 9.59 37.28
C LEU D 205 26.86 10.21 37.16
N ALA D 206 27.30 10.85 38.25
CA ALA D 206 28.65 11.39 38.33
C ALA D 206 29.67 10.24 38.39
N PRO D 207 30.91 10.50 37.95
CA PRO D 207 31.95 9.44 38.04
C PRO D 207 32.20 8.89 39.45
N ASP D 208 32.28 9.75 40.47
CA ASP D 208 32.46 9.27 41.83
C ASP D 208 31.23 8.50 42.34
N THR D 209 30.05 8.79 41.79
CA THR D 209 28.73 8.17 42.02
C THR D 209 28.15 8.51 43.38
N ARG D 210 28.72 9.47 44.09
CA ARG D 210 28.17 9.90 45.37
C ARG D 210 26.83 10.62 45.20
N LEU D 211 26.71 11.44 44.15
CA LEU D 211 25.50 12.21 43.91
C LEU D 211 25.07 12.07 42.46
N PHE D 212 23.80 12.35 42.19
CA PHE D 212 23.28 12.31 40.83
C PHE D 212 22.36 13.50 40.62
N VAL D 213 21.93 13.70 39.37
CA VAL D 213 21.02 14.77 39.01
C VAL D 213 19.83 14.19 38.27
N SER D 214 18.72 14.93 38.30
CA SER D 214 17.51 14.51 37.62
C SER D 214 16.79 15.72 37.03
N GLY D 215 16.02 15.47 35.99
CA GLY D 215 15.22 16.51 35.36
C GLY D 215 13.79 16.04 35.19
N ALA D 216 12.84 16.95 35.46
CA ALA D 216 11.42 16.63 35.45
C ALA D 216 10.68 17.58 34.53
N CYS D 217 9.36 17.38 34.43
CA CYS D 217 8.50 18.18 33.58
C CYS D 217 8.04 19.47 34.23
N ASP D 218 8.58 19.83 35.39
CA ASP D 218 8.36 21.14 35.99
C ASP D 218 9.42 22.16 35.58
N ALA D 219 10.23 21.83 34.56
CA ALA D 219 11.28 22.66 33.97
C ALA D 219 12.43 22.93 34.93
N SER D 220 12.54 22.15 36.00
CA SER D 220 13.62 22.31 36.97
C SER D 220 14.43 21.02 37.06
N ALA D 221 15.72 21.16 37.35
CA ALA D 221 16.60 20.03 37.61
C ALA D 221 16.99 20.03 39.08
N LYS D 222 17.24 18.84 39.61
CA LYS D 222 17.56 18.71 41.03
C LYS D 222 18.75 17.78 41.26
N LEU D 223 19.61 18.19 42.18
CA LEU D 223 20.77 17.43 42.62
C LEU D 223 20.40 16.61 43.85
N TRP D 224 20.66 15.30 43.79
CA TRP D 224 20.29 14.36 44.85
C TRP D 224 21.52 13.66 45.39
N ASP D 225 21.59 13.55 46.71
CA ASP D 225 22.63 12.76 47.38
C ASP D 225 22.12 11.33 47.56
N VAL D 226 22.93 10.36 47.10
CA VAL D 226 22.54 8.95 47.17
C VAL D 226 22.48 8.47 48.61
N ARG D 227 23.52 8.74 49.39
CA ARG D 227 23.61 8.23 50.75
C ARG D 227 22.60 8.90 51.68
N GLU D 228 22.36 10.20 51.51
CA GLU D 228 21.56 10.95 52.46
C GLU D 228 20.11 11.15 52.03
N GLY D 229 19.81 11.03 50.74
CA GLY D 229 18.44 11.07 50.28
C GLY D 229 17.81 12.44 50.21
N MET D 230 18.60 13.51 50.33
CA MET D 230 18.08 14.87 50.36
C MET D 230 18.48 15.61 49.09
N CYS D 231 17.65 16.59 48.72
CA CYS D 231 17.96 17.47 47.60
C CYS D 231 18.85 18.61 48.07
N ARG D 232 19.97 18.81 47.37
CA ARG D 232 20.92 19.87 47.71
C ARG D 232 20.74 21.11 46.87
N GLN D 233 20.44 20.98 45.59
CA GLN D 233 20.37 22.11 44.67
C GLN D 233 19.21 21.94 43.71
N THR D 234 18.51 23.04 43.43
CA THR D 234 17.39 23.07 42.49
C THR D 234 17.63 24.19 41.50
N PHE D 235 17.61 23.86 40.21
CA PHE D 235 17.92 24.80 39.14
C PHE D 235 16.69 24.99 38.25
N THR D 236 16.36 26.24 37.98
CA THR D 236 15.23 26.62 37.14
C THR D 236 15.73 27.50 36.01
N GLY D 237 14.87 27.71 35.01
CA GLY D 237 15.23 28.56 33.90
C GLY D 237 14.71 28.10 32.55
N HIS D 238 14.57 26.78 32.37
CA HIS D 238 13.94 26.25 31.17
C HIS D 238 12.47 26.62 31.12
N GLU D 239 11.94 26.73 29.90
CA GLU D 239 10.56 27.12 29.68
C GLU D 239 9.65 25.94 29.37
N SER D 240 10.19 24.72 29.29
CA SER D 240 9.38 23.56 28.95
C SER D 240 10.01 22.32 29.60
N ASP D 241 9.46 21.16 29.25
CA ASP D 241 9.87 19.88 29.86
C ASP D 241 11.33 19.54 29.52
N ILE D 242 12.07 19.14 30.54
CA ILE D 242 13.48 18.74 30.38
C ILE D 242 13.53 17.25 30.05
N ASN D 243 14.05 16.92 28.87
CA ASN D 243 14.03 15.55 28.38
C ASN D 243 15.32 14.76 28.62
N ALA D 244 16.46 15.44 28.80
CA ALA D 244 17.72 14.74 28.96
C ALA D 244 18.67 15.56 29.81
N ILE D 245 19.57 14.86 30.51
CA ILE D 245 20.50 15.49 31.44
C ILE D 245 21.75 14.62 31.56
N CYS D 246 22.92 15.22 31.32
CA CYS D 246 24.19 14.52 31.39
C CYS D 246 25.23 15.33 32.16
N PHE D 247 26.00 14.65 33.00
CA PHE D 247 27.13 15.27 33.70
C PHE D 247 28.28 15.61 32.78
N PHE D 248 29.08 16.59 33.21
CA PHE D 248 30.38 16.87 32.64
C PHE D 248 31.36 15.83 33.19
N PRO D 249 32.47 15.54 32.47
CA PRO D 249 33.42 14.55 32.97
C PRO D 249 34.07 14.85 34.33
N ASN D 250 34.30 16.13 34.67
CA ASN D 250 34.85 16.42 36.00
C ASN D 250 33.84 16.14 37.12
N GLY D 251 32.55 16.27 36.82
CA GLY D 251 31.51 16.09 37.80
C GLY D 251 31.04 17.36 38.49
N ASN D 252 31.58 18.52 38.13
CA ASN D 252 31.18 19.79 38.72
C ASN D 252 30.13 20.53 37.91
N ALA D 253 29.76 20.03 36.73
CA ALA D 253 28.78 20.70 35.88
C ALA D 253 27.95 19.66 35.15
N PHE D 254 26.84 20.11 34.56
CA PHE D 254 25.99 19.24 33.77
C PHE D 254 25.21 20.07 32.75
N ALA D 255 24.77 19.40 31.69
CA ALA D 255 23.98 20.02 30.62
C ALA D 255 22.60 19.39 30.55
N THR D 256 21.61 20.21 30.20
CA THR D 256 20.22 19.77 30.10
C THR D 256 19.66 20.14 28.73
N GLY D 257 18.87 19.24 28.16
CA GLY D 257 18.11 19.51 26.94
C GLY D 257 16.63 19.54 27.24
N SER D 258 15.91 20.46 26.59
CA SER D 258 14.50 20.66 26.86
C SER D 258 13.75 20.90 25.55
N ASP D 259 12.42 20.88 25.64
CA ASP D 259 11.55 21.12 24.49
C ASP D 259 11.52 22.58 24.03
N ASP D 260 12.15 23.50 24.75
CA ASP D 260 12.16 24.91 24.36
C ASP D 260 13.22 25.24 23.31
N ALA D 261 13.80 24.22 22.66
CA ALA D 261 14.77 24.30 21.57
C ALA D 261 16.13 24.82 22.02
N THR D 262 16.41 24.79 23.32
CA THR D 262 17.68 25.22 23.85
C THR D 262 18.33 24.10 24.66
N CYS D 263 19.66 24.06 24.62
CA CYS D 263 20.46 23.32 25.58
C CYS D 263 21.15 24.32 26.49
N ARG D 264 21.24 24.00 27.77
CA ARG D 264 21.80 24.91 28.75
C ARG D 264 22.78 24.18 29.65
N LEU D 265 23.81 24.90 30.08
CA LEU D 265 24.87 24.37 30.93
C LEU D 265 24.73 24.94 32.33
N PHE D 266 24.72 24.06 33.33
CA PHE D 266 24.56 24.45 34.72
C PHE D 266 25.79 24.00 35.51
N ASP D 267 26.35 24.90 36.30
CA ASP D 267 27.46 24.59 37.19
C ASP D 267 26.92 24.30 38.59
N LEU D 268 27.43 23.25 39.21
CA LEU D 268 27.03 22.90 40.56
C LEU D 268 27.60 23.88 41.58
N ARG D 269 28.90 24.18 41.46
CA ARG D 269 29.57 25.07 42.40
C ARG D 269 29.09 26.51 42.27
N ALA D 270 28.92 26.99 41.02
CA ALA D 270 28.44 28.35 40.83
C ALA D 270 26.93 28.48 41.01
N ASP D 271 26.21 27.35 40.98
CA ASP D 271 24.78 27.26 41.32
C ASP D 271 23.92 28.09 40.38
N GLN D 272 24.28 28.13 39.10
CA GLN D 272 23.61 28.97 38.12
C GLN D 272 23.94 28.48 36.72
N GLU D 273 23.29 29.11 35.73
CA GLU D 273 23.48 28.79 34.33
C GLU D 273 24.75 29.43 33.78
N LEU D 274 25.49 28.69 32.95
CA LEU D 274 26.71 29.19 32.36
C LEU D 274 26.59 29.55 30.88
N MET D 275 25.73 28.86 30.12
CA MET D 275 25.71 29.04 28.67
C MET D 275 24.36 28.57 28.14
N THR D 276 23.85 29.26 27.12
CA THR D 276 22.60 28.91 26.46
C THR D 276 22.89 28.56 25.01
N TYR D 277 22.67 27.30 24.63
CA TYR D 277 22.94 26.81 23.29
C TYR D 277 21.64 26.88 22.50
N SER D 278 21.57 27.77 21.51
CA SER D 278 20.35 27.94 20.74
C SER D 278 20.66 28.48 19.36
N HIS D 279 19.74 28.26 18.42
CA HIS D 279 19.83 28.76 17.06
C HIS D 279 18.44 29.15 16.59
N ASP D 280 18.38 30.13 15.69
CA ASP D 280 17.09 30.65 15.24
C ASP D 280 16.33 29.65 14.36
N ASN D 281 17.05 28.90 13.52
CA ASN D 281 16.41 27.92 12.65
C ASN D 281 15.84 26.73 13.43
N ILE D 282 16.44 26.39 14.57
CA ILE D 282 16.04 25.21 15.32
C ILE D 282 14.87 25.59 16.23
N ILE D 283 13.70 25.02 15.95
CA ILE D 283 12.50 25.24 16.73
C ILE D 283 11.98 23.95 17.35
N CYS D 284 12.71 22.85 17.22
CA CYS D 284 12.29 21.55 17.72
C CYS D 284 12.97 21.23 19.04
N GLY D 285 12.52 20.13 19.66
CA GLY D 285 13.00 19.76 20.98
C GLY D 285 14.25 18.90 20.96
N ILE D 286 14.89 18.81 22.12
CA ILE D 286 16.10 18.02 22.31
C ILE D 286 15.72 16.71 23.00
N THR D 287 16.20 15.59 22.45
CA THR D 287 15.90 14.28 23.02
C THR D 287 17.04 13.69 23.84
N SER D 288 18.29 14.04 23.53
CA SER D 288 19.43 13.42 24.19
C SER D 288 20.64 14.34 24.08
N VAL D 289 21.49 14.31 25.10
CA VAL D 289 22.70 15.12 25.17
C VAL D 289 23.82 14.27 25.78
N SER D 290 25.05 14.52 25.31
CA SER D 290 26.23 13.88 25.87
C SER D 290 27.45 14.74 25.58
N PHE D 291 28.40 14.70 26.50
CA PHE D 291 29.69 15.37 26.32
C PHE D 291 30.72 14.43 25.71
N SER D 292 31.70 15.03 25.03
CA SER D 292 32.91 14.33 24.63
C SER D 292 33.76 13.97 25.85
N LYS D 293 34.83 13.19 25.59
CA LYS D 293 35.72 12.74 26.66
C LYS D 293 36.42 13.92 27.34
N SER D 294 36.79 14.94 26.58
CA SER D 294 37.40 16.14 27.14
C SER D 294 36.39 17.23 27.47
N GLY D 295 35.12 17.04 27.13
CA GLY D 295 34.10 18.02 27.40
C GLY D 295 34.06 19.20 26.46
N ARG D 296 34.92 19.24 25.45
CA ARG D 296 34.95 20.38 24.54
C ARG D 296 33.74 20.39 23.61
N LEU D 297 33.26 19.22 23.20
CA LEU D 297 32.15 19.11 22.26
C LEU D 297 30.92 18.58 22.98
N LEU D 298 29.77 19.21 22.74
CA LEU D 298 28.49 18.77 23.27
C LEU D 298 27.61 18.31 22.12
N LEU D 299 27.24 17.04 22.11
CA LEU D 299 26.42 16.48 21.05
C LEU D 299 24.97 16.44 21.52
N ALA D 300 24.06 16.84 20.65
CA ALA D 300 22.65 16.88 21.01
C ALA D 300 21.78 16.34 19.89
N GLY D 301 20.83 15.48 20.25
CA GLY D 301 19.83 15.01 19.30
C GLY D 301 18.58 15.87 19.32
N TYR D 302 17.95 16.00 18.15
CA TYR D 302 16.86 16.93 17.92
C TYR D 302 15.72 16.24 17.20
N ASP D 303 14.56 16.91 17.19
CA ASP D 303 13.37 16.41 16.52
C ASP D 303 13.31 16.78 15.04
N ASP D 304 14.31 17.50 14.52
CA ASP D 304 14.35 17.85 13.10
C ASP D 304 15.10 16.82 12.27
N PHE D 305 15.22 15.59 12.80
CA PHE D 305 15.81 14.39 12.17
C PHE D 305 17.33 14.48 12.09
N ASN D 306 17.94 15.39 12.87
CA ASN D 306 19.36 15.67 12.77
C ASN D 306 19.99 15.73 14.16
N CYS D 307 21.31 15.52 14.19
CA CYS D 307 22.12 15.70 15.39
C CYS D 307 23.05 16.89 15.19
N ASN D 308 23.33 17.61 16.28
CA ASN D 308 24.19 18.79 16.21
C ASN D 308 25.31 18.69 17.23
N VAL D 309 26.53 18.98 16.77
CA VAL D 309 27.72 19.04 17.62
C VAL D 309 28.02 20.51 17.87
N TRP D 310 27.98 20.92 19.13
CA TRP D 310 28.20 22.29 19.57
C TRP D 310 29.56 22.41 20.24
N ASP D 311 30.24 23.53 19.98
CA ASP D 311 31.39 23.89 20.80
C ASP D 311 30.87 24.34 22.16
N ALA D 312 31.26 23.64 23.22
CA ALA D 312 30.72 23.90 24.56
C ALA D 312 31.22 25.21 25.15
N LEU D 313 32.31 25.77 24.64
CA LEU D 313 32.85 27.01 25.19
C LEU D 313 32.36 28.25 24.45
N LYS D 314 32.18 28.15 23.13
CA LYS D 314 31.77 29.29 22.32
C LYS D 314 30.28 29.30 21.97
N ALA D 315 29.57 28.20 22.23
CA ALA D 315 28.14 28.00 21.92
C ALA D 315 27.85 28.06 20.43
N ASP D 316 28.85 27.76 19.60
CA ASP D 316 28.72 27.74 18.15
C ASP D 316 28.48 26.31 17.67
N ARG D 317 27.69 26.18 16.61
CA ARG D 317 27.36 24.88 16.05
C ARG D 317 28.56 24.39 15.24
N ALA D 318 29.33 23.49 15.83
CA ALA D 318 30.54 23.00 15.18
C ALA D 318 30.22 22.10 13.99
N GLY D 319 29.24 21.21 14.14
CA GLY D 319 28.95 20.25 13.08
C GLY D 319 27.51 19.80 13.08
N VAL D 320 27.10 19.25 11.93
CA VAL D 320 25.75 18.74 11.73
C VAL D 320 25.87 17.30 11.21
N LEU D 321 25.18 16.37 11.88
CA LEU D 321 25.14 14.98 11.48
C LEU D 321 23.73 14.64 11.01
N ALA D 322 23.59 14.20 9.76
CA ALA D 322 22.29 13.89 9.16
C ALA D 322 22.38 12.50 8.54
N GLY D 323 22.21 11.47 9.36
CA GLY D 323 22.17 10.11 8.86
C GLY D 323 20.86 9.39 9.07
N HIS D 324 19.94 10.00 9.82
CA HIS D 324 18.72 9.32 10.27
C HIS D 324 17.50 9.91 9.59
N ASP D 325 16.67 9.03 9.02
CA ASP D 325 15.45 9.46 8.34
C ASP D 325 14.40 9.95 9.33
N ASN D 326 14.25 9.27 10.47
CA ASN D 326 13.22 9.60 11.43
C ASN D 326 13.86 10.31 12.62
N ARG D 327 13.07 10.54 13.68
CA ARG D 327 13.50 11.31 14.85
C ARG D 327 14.65 10.63 15.60
N VAL D 328 15.74 11.37 15.77
CA VAL D 328 16.86 10.89 16.59
C VAL D 328 16.44 10.91 18.05
N SER D 329 16.40 9.73 18.68
CA SER D 329 15.86 9.61 20.02
C SER D 329 16.92 9.44 21.09
N CYS D 330 18.12 8.98 20.76
CA CYS D 330 19.13 8.73 21.78
C CYS D 330 20.51 8.71 21.14
N LEU D 331 21.53 9.03 21.94
CA LEU D 331 22.91 8.98 21.49
C LEU D 331 23.81 8.82 22.70
N GLY D 332 25.06 8.44 22.43
CA GLY D 332 26.03 8.19 23.48
C GLY D 332 27.47 8.08 23.03
N VAL D 333 28.39 8.58 23.86
CA VAL D 333 29.81 8.62 23.56
C VAL D 333 30.50 7.57 24.43
N THR D 334 31.42 6.81 23.82
CA THR D 334 32.15 5.76 24.51
C THR D 334 33.12 6.34 25.54
N ASP D 335 33.57 5.48 26.45
CA ASP D 335 34.47 5.91 27.52
C ASP D 335 35.84 6.31 26.98
N ASP D 336 36.40 5.50 26.06
CA ASP D 336 37.65 5.90 25.41
C ASP D 336 37.44 7.08 24.45
N GLY D 337 36.24 7.26 23.94
CA GLY D 337 35.92 8.43 23.13
C GLY D 337 36.16 8.29 21.64
N MET D 338 36.33 7.07 21.14
CA MET D 338 36.61 6.89 19.72
C MET D 338 35.42 7.25 18.84
N ALA D 339 34.21 6.85 19.24
CA ALA D 339 33.05 6.99 18.38
C ALA D 339 31.81 7.33 19.20
N VAL D 340 30.79 7.83 18.52
CA VAL D 340 29.50 8.16 19.15
C VAL D 340 28.39 7.40 18.42
N ALA D 341 27.52 6.76 19.18
CA ALA D 341 26.41 6.01 18.59
C ALA D 341 25.12 6.81 18.70
N THR D 342 24.30 6.73 17.65
CA THR D 342 23.03 7.45 17.57
C THR D 342 21.93 6.46 17.21
N GLY D 343 21.04 6.19 18.17
CA GLY D 343 19.78 5.50 17.89
C GLY D 343 18.66 6.46 17.57
N SER D 344 17.83 6.08 16.60
CA SER D 344 16.75 6.92 16.11
C SER D 344 15.49 6.09 15.91
N TRP D 345 14.39 6.78 15.57
CA TRP D 345 13.11 6.14 15.33
C TRP D 345 12.99 5.49 13.96
N ASP D 346 14.05 5.53 13.14
CA ASP D 346 14.03 4.81 11.87
C ASP D 346 14.56 3.39 12.00
N SER D 347 14.72 2.91 13.25
CA SER D 347 15.15 1.54 13.58
C SER D 347 16.58 1.26 13.12
N PHE D 348 17.46 2.26 13.20
CA PHE D 348 18.86 2.09 12.88
C PHE D 348 19.73 2.69 13.98
N LEU D 349 20.76 1.94 14.38
CA LEU D 349 21.81 2.44 15.26
C LEU D 349 23.01 2.76 14.37
N LYS D 350 23.46 4.01 14.39
CA LYS D 350 24.58 4.41 13.55
C LYS D 350 25.78 4.86 14.37
N ILE D 351 26.95 4.40 13.95
CA ILE D 351 28.22 4.74 14.59
C ILE D 351 28.86 5.88 13.82
N TRP D 352 29.26 6.94 14.52
CA TRP D 352 29.85 8.12 13.92
C TRP D 352 31.26 8.30 14.45
N ASN D 353 32.21 8.51 13.53
CA ASN D 353 33.60 8.74 13.90
C ASN D 353 34.23 9.69 12.90
N ALA E 7 -1.78 17.62 57.09
CA ALA E 7 -2.33 18.64 56.20
C ALA E 7 -1.25 19.19 55.26
N SER E 8 -1.67 20.05 54.33
CA SER E 8 -0.75 20.64 53.37
C SER E 8 0.28 21.54 54.05
N ILE E 9 -0.14 22.26 55.10
CA ILE E 9 0.76 23.12 55.87
C ILE E 9 1.86 22.32 56.53
N ALA E 10 1.58 21.09 56.96
CA ALA E 10 2.60 20.20 57.49
C ALA E 10 3.64 19.86 56.43
N GLN E 11 3.23 19.78 55.16
CA GLN E 11 4.20 19.67 54.08
C GLN E 11 4.98 20.97 53.92
N ALA E 12 4.28 22.11 54.03
CA ALA E 12 4.86 23.44 53.86
C ALA E 12 6.05 23.66 54.80
N ARG E 13 5.83 23.42 56.10
CA ARG E 13 6.90 23.47 57.11
C ARG E 13 8.08 22.59 56.73
N LYS E 14 7.80 21.42 56.14
CA LYS E 14 8.89 20.61 55.62
C LYS E 14 9.53 21.25 54.39
N LEU E 15 8.69 21.73 53.45
CA LEU E 15 9.16 22.18 52.15
C LEU E 15 10.05 23.42 52.26
N VAL E 16 9.64 24.38 53.10
CA VAL E 16 10.46 25.56 53.38
C VAL E 16 11.79 25.14 53.99
N GLU E 17 11.76 24.12 54.86
CA GLU E 17 12.99 23.57 55.42
C GLU E 17 13.88 22.99 54.33
N GLN E 18 13.27 22.34 53.33
CA GLN E 18 13.99 21.86 52.17
C GLN E 18 14.61 23.01 51.40
N LEU E 19 13.93 24.16 51.37
CA LEU E 19 14.52 25.36 50.79
C LEU E 19 15.67 25.87 51.64
N LYS E 20 15.56 25.77 52.98
CA LYS E 20 16.57 26.31 53.90
C LYS E 20 17.93 25.66 53.68
N MET E 21 17.95 24.34 53.52
CA MET E 21 19.20 23.61 53.25
C MET E 21 19.80 24.06 51.92
N GLU E 22 18.95 24.42 50.95
CA GLU E 22 19.45 24.95 49.69
C GLU E 22 20.10 26.31 49.89
N ALA E 23 19.56 27.13 50.81
CA ALA E 23 20.06 28.49 50.98
C ALA E 23 21.46 28.52 51.59
N ASN E 24 21.72 27.67 52.59
CA ASN E 24 22.98 27.68 53.34
C ASN E 24 24.05 26.87 52.58
N ILE E 25 24.54 27.45 51.49
CA ILE E 25 25.58 26.83 50.69
C ILE E 25 26.69 27.85 50.43
N ASP E 26 27.94 27.38 50.48
CA ASP E 26 29.12 28.23 50.27
C ASP E 26 29.43 28.34 48.77
N ARG E 27 28.67 29.21 48.11
CA ARG E 27 28.85 29.44 46.68
C ARG E 27 30.18 30.14 46.39
N ILE E 28 30.81 29.72 45.30
CA ILE E 28 32.11 30.25 44.91
C ILE E 28 31.93 31.25 43.78
N LYS E 29 33.03 31.94 43.44
CA LYS E 29 33.04 32.86 42.31
C LYS E 29 32.95 32.08 41.00
N VAL E 30 32.09 32.55 40.09
CA VAL E 30 31.86 31.86 38.82
C VAL E 30 33.08 31.91 37.90
N SER E 31 33.95 32.92 38.06
CA SER E 31 35.16 33.01 37.25
C SER E 31 36.14 31.89 37.58
N LYS E 32 36.19 31.46 38.84
CA LYS E 32 37.04 30.34 39.22
C LYS E 32 36.53 29.04 38.60
N ALA E 33 35.20 28.85 38.56
CA ALA E 33 34.63 27.66 37.92
C ALA E 33 34.86 27.67 36.42
N ALA E 34 34.79 28.85 35.79
CA ALA E 34 35.08 28.95 34.37
C ALA E 34 36.56 28.69 34.08
N ALA E 35 37.44 29.16 34.97
CA ALA E 35 38.87 28.87 34.82
C ALA E 35 39.17 27.39 35.00
N ASP E 36 38.48 26.72 35.93
CA ASP E 36 38.64 25.28 36.09
C ASP E 36 38.11 24.53 34.88
N LEU E 37 37.03 25.03 34.27
CA LEU E 37 36.47 24.42 33.07
C LEU E 37 37.44 24.54 31.90
N MET E 38 38.05 25.72 31.73
CA MET E 38 39.04 25.92 30.68
C MET E 38 40.29 25.10 30.94
N ALA E 39 40.68 24.95 32.22
CA ALA E 39 41.87 24.17 32.56
C ALA E 39 41.66 22.69 32.26
N TYR E 40 40.45 22.17 32.53
CA TYR E 40 40.17 20.77 32.23
C TYR E 40 40.10 20.54 30.72
N CYS E 41 39.50 21.49 29.99
CA CYS E 41 39.39 21.35 28.54
C CYS E 41 40.74 21.45 27.85
N GLU E 42 41.59 22.40 28.28
CA GLU E 42 42.91 22.54 27.68
C GLU E 42 43.85 21.42 28.10
N ALA E 43 43.70 20.89 29.31
CA ALA E 43 44.57 19.83 29.78
C ALA E 43 44.26 18.52 29.07
N HIS E 44 42.99 18.21 28.86
CA HIS E 44 42.61 16.94 28.23
C HIS E 44 42.31 17.07 26.74
N ALA E 45 42.76 18.16 26.11
CA ALA E 45 42.43 18.40 24.70
C ALA E 45 43.10 17.40 23.77
N LYS E 46 44.33 16.98 24.11
CA LYS E 46 45.03 16.01 23.27
C LYS E 46 44.51 14.59 23.44
N GLU E 47 43.83 14.29 24.55
CA GLU E 47 43.36 12.94 24.80
C GLU E 47 42.08 12.62 24.03
N ASP E 48 41.29 13.63 23.69
CA ASP E 48 39.97 13.44 23.08
C ASP E 48 40.11 12.95 21.64
N PRO E 49 39.56 11.77 21.29
CA PRO E 49 39.64 11.31 19.90
C PRO E 49 38.65 12.00 18.97
N LEU E 50 37.55 12.53 19.49
CA LEU E 50 36.60 13.24 18.64
C LEU E 50 37.12 14.62 18.26
N LEU E 51 37.75 15.32 19.20
CA LEU E 51 38.26 16.66 18.92
C LEU E 51 39.51 16.63 18.07
N THR E 52 40.40 15.67 18.32
CA THR E 52 41.67 15.55 17.61
C THR E 52 41.64 14.30 16.75
N PRO E 53 41.87 14.40 15.43
CA PRO E 53 41.67 13.25 14.55
C PRO E 53 42.70 12.14 14.76
N VAL E 54 42.26 10.91 14.48
CA VAL E 54 43.02 9.70 14.77
C VAL E 54 43.53 9.15 13.43
N PRO E 55 44.78 8.69 13.35
CA PRO E 55 45.24 7.98 12.15
C PRO E 55 44.45 6.71 11.89
N ALA E 56 44.40 6.33 10.61
CA ALA E 56 43.58 5.19 10.16
C ALA E 56 44.03 3.88 10.78
N SER E 57 45.35 3.68 10.91
CA SER E 57 45.86 2.45 11.53
C SER E 57 45.51 2.40 13.02
N GLU E 58 45.62 3.54 13.71
CA GLU E 58 45.24 3.59 15.12
C GLU E 58 43.74 3.46 15.31
N ASN E 59 42.95 3.97 14.36
CA ASN E 59 41.49 3.93 14.42
C ASN E 59 40.99 2.49 14.37
N PRO E 60 40.23 2.03 15.37
CA PRO E 60 39.67 0.67 15.30
C PRO E 60 38.56 0.54 14.26
N PHE E 61 37.82 1.60 13.99
CA PHE E 61 36.73 1.55 13.02
C PHE E 61 37.29 1.91 11.65
N ARG E 62 37.13 0.99 10.69
CA ARG E 62 37.67 1.16 9.35
C ARG E 62 36.62 0.74 8.33
N GLU E 63 36.81 1.22 7.09
CA GLU E 63 35.93 0.87 5.98
C GLU E 63 36.05 -0.60 5.61
N SER F 55 -20.49 18.52 -41.92
CA SER F 55 -21.53 18.49 -40.89
C SER F 55 -22.81 17.85 -41.42
N LEU F 56 -23.41 18.48 -42.43
CA LEU F 56 -24.63 17.95 -43.04
C LEU F 56 -24.35 16.64 -43.77
N ALA F 57 -23.22 16.59 -44.50
CA ALA F 57 -22.85 15.38 -45.22
C ALA F 57 -22.54 14.24 -44.26
N LEU F 58 -21.95 14.57 -43.10
CA LEU F 58 -21.70 13.57 -42.07
C LEU F 58 -22.99 12.93 -41.60
N ALA F 59 -24.01 13.77 -41.32
CA ALA F 59 -25.32 13.30 -40.90
C ALA F 59 -25.98 12.40 -41.93
N ILE F 60 -26.01 12.84 -43.19
CA ILE F 60 -26.64 12.02 -44.24
C ILE F 60 -25.84 10.72 -44.47
N ALA F 61 -24.51 10.77 -44.34
CA ALA F 61 -23.69 9.56 -44.48
C ALA F 61 -23.98 8.54 -43.38
N ILE F 62 -24.09 9.01 -42.14
CA ILE F 62 -24.39 8.13 -41.02
C ILE F 62 -25.80 7.55 -41.16
N THR F 63 -26.76 8.38 -41.58
CA THR F 63 -28.12 7.89 -41.80
C THR F 63 -28.19 6.86 -42.93
N ALA F 64 -27.42 7.08 -44.00
CA ALA F 64 -27.33 6.11 -45.09
C ALA F 64 -26.67 4.81 -44.63
N LEU F 65 -25.67 4.92 -43.75
CA LEU F 65 -25.01 3.72 -43.20
C LEU F 65 -25.98 2.89 -42.36
N TYR F 66 -26.75 3.56 -41.49
CA TYR F 66 -27.77 2.85 -40.69
C TYR F 66 -28.84 2.22 -41.57
N SER F 67 -29.30 2.95 -42.59
CA SER F 67 -30.33 2.43 -43.49
C SER F 67 -29.83 1.23 -44.28
N ALA F 68 -28.59 1.29 -44.78
CA ALA F 68 -28.01 0.19 -45.53
C ALA F 68 -27.82 -1.05 -44.66
N VAL F 69 -27.29 -0.87 -43.43
CA VAL F 69 -27.09 -1.99 -42.52
C VAL F 69 -28.43 -2.63 -42.15
N CYS F 70 -29.45 -1.80 -41.87
CA CYS F 70 -30.78 -2.31 -41.52
C CYS F 70 -31.41 -3.08 -42.69
N ALA F 71 -31.36 -2.50 -43.89
CA ALA F 71 -31.96 -3.14 -45.06
C ALA F 71 -31.29 -4.47 -45.39
N VAL F 72 -29.95 -4.46 -45.54
CA VAL F 72 -29.23 -5.67 -45.93
C VAL F 72 -29.34 -6.74 -44.85
N GLY F 73 -29.23 -6.35 -43.57
CA GLY F 73 -29.33 -7.31 -42.49
C GLY F 73 -30.70 -7.94 -42.36
N LEU F 74 -31.77 -7.13 -42.45
CA LEU F 74 -33.13 -7.65 -42.34
C LEU F 74 -33.46 -8.57 -43.51
N LEU F 75 -33.14 -8.14 -44.74
CA LEU F 75 -33.42 -8.97 -45.91
C LEU F 75 -32.62 -10.27 -45.89
N GLY F 76 -31.33 -10.19 -45.50
CA GLY F 76 -30.52 -11.38 -45.42
C GLY F 76 -31.00 -12.37 -44.37
N ASN F 77 -31.40 -11.87 -43.19
CA ASN F 77 -31.91 -12.75 -42.15
C ASN F 77 -33.23 -13.41 -42.56
N VAL F 78 -34.13 -12.65 -43.21
CA VAL F 78 -35.38 -13.22 -43.69
C VAL F 78 -35.14 -14.29 -44.75
N LEU F 79 -34.19 -14.03 -45.68
CA LEU F 79 -33.86 -15.03 -46.70
C LEU F 79 -33.23 -16.28 -46.11
N VAL F 80 -32.33 -16.13 -45.13
CA VAL F 80 -31.70 -17.29 -44.49
C VAL F 80 -32.73 -18.13 -43.75
N MET F 81 -33.63 -17.49 -42.99
CA MET F 81 -34.69 -18.20 -42.29
C MET F 81 -35.64 -18.91 -43.26
N PHE F 82 -35.95 -18.25 -44.39
CA PHE F 82 -36.82 -18.83 -45.39
C PHE F 82 -36.20 -20.09 -46.02
N VAL F 83 -34.92 -20.02 -46.39
CA VAL F 83 -34.24 -21.17 -46.98
C VAL F 83 -34.12 -22.31 -45.96
N ILE F 84 -33.86 -21.99 -44.68
CA ILE F 84 -33.76 -23.03 -43.65
C ILE F 84 -35.09 -23.74 -43.44
N VAL F 85 -36.19 -22.97 -43.34
CA VAL F 85 -37.50 -23.58 -43.10
C VAL F 85 -37.97 -24.36 -44.32
N ARG F 86 -37.87 -23.75 -45.51
CA ARG F 86 -38.44 -24.34 -46.72
C ARG F 86 -37.67 -25.57 -47.18
N TYR F 87 -36.34 -25.52 -47.18
CA TYR F 87 -35.53 -26.56 -47.81
C TYR F 87 -34.89 -27.52 -46.81
N THR F 88 -34.19 -26.99 -45.81
CA THR F 88 -33.47 -27.82 -44.86
C THR F 88 -34.40 -28.63 -43.97
N LYS F 89 -35.49 -28.00 -43.49
CA LYS F 89 -36.55 -28.57 -42.65
C LYS F 89 -36.03 -28.89 -41.24
N MET F 90 -34.91 -28.26 -40.87
CA MET F 90 -34.34 -28.26 -39.50
C MET F 90 -33.90 -29.64 -39.04
N LYS F 91 -33.51 -30.50 -39.98
CA LYS F 91 -33.03 -31.83 -39.61
C LYS F 91 -31.71 -31.73 -38.84
N THR F 92 -30.73 -31.04 -39.41
CA THR F 92 -29.45 -30.83 -38.75
C THR F 92 -29.63 -29.88 -37.57
N ALA F 93 -28.97 -30.20 -36.45
CA ALA F 93 -28.99 -29.33 -35.28
C ALA F 93 -28.30 -28.01 -35.56
N THR F 94 -27.21 -28.04 -36.35
CA THR F 94 -26.46 -26.83 -36.67
C THR F 94 -27.31 -25.82 -37.43
N ASN F 95 -28.15 -26.31 -38.34
CA ASN F 95 -29.07 -25.42 -39.06
C ASN F 95 -30.14 -24.85 -38.13
N ILE F 96 -30.54 -25.59 -37.09
CA ILE F 96 -31.43 -25.04 -36.06
C ILE F 96 -30.74 -23.89 -35.32
N TYR F 97 -29.45 -24.06 -35.01
CA TYR F 97 -28.68 -22.98 -34.37
C TYR F 97 -28.56 -21.77 -35.29
N ILE F 98 -28.35 -22.01 -36.59
CA ILE F 98 -28.26 -20.92 -37.56
C ILE F 98 -29.60 -20.20 -37.69
N PHE F 99 -30.71 -20.95 -37.63
CA PHE F 99 -32.04 -20.35 -37.65
C PHE F 99 -32.28 -19.46 -36.43
N SER F 100 -31.89 -19.93 -35.24
CA SER F 100 -32.02 -19.13 -34.02
C SER F 100 -31.15 -17.89 -34.08
N LEU F 101 -29.95 -18.02 -34.62
CA LEU F 101 -29.03 -16.88 -34.74
C LEU F 101 -29.56 -15.85 -35.73
N ALA F 102 -30.12 -16.31 -36.85
CA ALA F 102 -30.72 -15.39 -37.84
C ALA F 102 -31.95 -14.69 -37.27
N LEU F 103 -32.76 -15.40 -36.46
CA LEU F 103 -33.91 -14.77 -35.81
C LEU F 103 -33.47 -13.69 -34.82
N ALA F 104 -32.43 -13.97 -34.04
CA ALA F 104 -31.90 -12.97 -33.11
C ALA F 104 -31.29 -11.79 -33.86
N GLY F 105 -30.64 -12.06 -35.00
CA GLY F 105 -30.09 -10.98 -35.83
C GLY F 105 -31.16 -10.08 -36.42
N ALA F 106 -32.27 -10.68 -36.88
CA ALA F 106 -33.39 -9.88 -37.39
C ALA F 106 -34.03 -9.06 -36.28
N LEU F 107 -34.15 -9.64 -35.09
CA LEU F 107 -34.69 -8.92 -33.94
C LEU F 107 -33.81 -7.74 -33.56
N ALA F 108 -32.48 -7.91 -33.64
CA ALA F 108 -31.56 -6.80 -33.42
C ALA F 108 -31.66 -5.76 -34.54
N THR F 109 -31.87 -6.23 -35.78
CA THR F 109 -31.95 -5.36 -36.94
C THR F 109 -33.16 -4.43 -36.89
N SER F 110 -34.27 -4.92 -36.34
CA SER F 110 -35.53 -4.16 -36.27
C SER F 110 -35.40 -2.85 -35.48
N THR F 111 -34.47 -2.78 -34.52
CA THR F 111 -34.30 -1.62 -33.67
C THR F 111 -33.80 -0.38 -34.43
N LEU F 112 -33.04 -0.58 -35.50
CA LEU F 112 -32.29 0.52 -36.14
C LEU F 112 -33.08 1.72 -36.70
N PRO F 113 -34.28 1.58 -37.32
CA PRO F 113 -34.96 2.81 -37.81
C PRO F 113 -35.34 3.82 -36.74
N PHE F 114 -35.70 3.38 -35.53
CA PHE F 114 -35.98 4.32 -34.45
C PHE F 114 -34.73 5.08 -34.04
N GLN F 115 -33.57 4.40 -34.04
CA GLN F 115 -32.30 5.06 -33.73
C GLN F 115 -31.93 6.08 -34.79
N SER F 116 -32.13 5.74 -36.07
CA SER F 116 -31.87 6.69 -37.15
C SER F 116 -32.81 7.89 -37.10
N ALA F 117 -34.09 7.65 -36.77
CA ALA F 117 -35.05 8.73 -36.63
C ALA F 117 -34.70 9.65 -35.46
N LYS F 118 -34.23 9.07 -34.35
CA LYS F 118 -33.78 9.89 -33.22
C LYS F 118 -32.54 10.70 -33.60
N TYR F 119 -31.63 10.12 -34.39
CA TYR F 119 -30.44 10.86 -34.82
C TYR F 119 -30.79 12.02 -35.74
N LEU F 120 -31.78 11.83 -36.62
CA LEU F 120 -32.16 12.92 -37.52
C LEU F 120 -33.00 13.98 -36.82
N MET F 121 -33.99 13.57 -36.02
CA MET F 121 -34.86 14.53 -35.35
C MET F 121 -34.13 15.30 -34.25
N GLU F 122 -33.15 14.67 -33.60
CA GLU F 122 -32.28 15.15 -32.49
C GLU F 122 -33.10 15.14 -31.20
N THR F 123 -34.26 14.50 -31.21
CA THR F 123 -35.11 14.37 -30.03
C THR F 123 -35.91 13.09 -30.14
N TRP F 124 -36.45 12.64 -29.01
CA TRP F 124 -37.24 11.42 -28.95
C TRP F 124 -38.72 11.73 -28.74
N PRO F 125 -39.56 11.64 -29.77
CA PRO F 125 -41.01 11.85 -29.58
C PRO F 125 -41.82 10.58 -29.41
N PHE F 126 -41.18 9.41 -29.35
CA PHE F 126 -41.91 8.14 -29.42
C PHE F 126 -42.51 7.71 -28.08
N GLY F 127 -42.03 8.23 -26.97
CA GLY F 127 -42.64 7.91 -25.69
C GLY F 127 -41.87 6.86 -24.89
N GLU F 128 -42.21 6.81 -23.59
CA GLU F 128 -41.50 6.00 -22.60
C GLU F 128 -41.63 4.51 -22.87
N LEU F 129 -42.84 4.05 -23.21
CA LEU F 129 -43.09 2.62 -23.44
C LEU F 129 -42.29 2.10 -24.63
N LEU F 130 -42.26 2.87 -25.73
CA LEU F 130 -41.47 2.45 -26.88
C LEU F 130 -39.97 2.58 -26.61
N CYS F 131 -39.56 3.55 -25.77
CA CYS F 131 -38.17 3.62 -25.31
C CYS F 131 -37.76 2.36 -24.55
N LYS F 132 -38.65 1.88 -23.66
CA LYS F 132 -38.43 0.64 -22.93
C LYS F 132 -38.35 -0.55 -23.88
N ALA F 133 -39.25 -0.59 -24.87
CA ALA F 133 -39.27 -1.68 -25.85
C ALA F 133 -37.97 -1.71 -26.68
N VAL F 134 -37.49 -0.53 -27.11
CA VAL F 134 -36.28 -0.44 -27.91
C VAL F 134 -35.07 -0.94 -27.13
N LEU F 135 -34.91 -0.45 -25.89
CA LEU F 135 -33.74 -0.85 -25.09
C LEU F 135 -33.80 -2.33 -24.72
N SER F 136 -34.99 -2.84 -24.38
CA SER F 136 -35.13 -4.25 -24.01
C SER F 136 -34.85 -5.17 -25.19
N ILE F 137 -35.37 -4.83 -26.38
CA ILE F 137 -35.13 -5.65 -27.57
C ILE F 137 -33.65 -5.62 -27.96
N ASP F 138 -33.00 -4.46 -27.79
CA ASP F 138 -31.57 -4.34 -28.12
C ASP F 138 -30.70 -5.25 -27.24
N TYR F 139 -30.87 -5.15 -25.91
CA TYR F 139 -30.07 -5.98 -25.01
C TYR F 139 -30.40 -7.47 -25.14
N TYR F 140 -31.70 -7.79 -25.27
CA TYR F 140 -32.16 -9.17 -25.40
C TYR F 140 -31.58 -9.82 -26.66
N SER F 141 -31.65 -9.12 -27.79
CA SER F 141 -31.14 -9.65 -29.05
C SER F 141 -29.62 -9.80 -29.03
N MET F 142 -28.91 -8.84 -28.40
CA MET F 142 -27.46 -8.92 -28.32
C MET F 142 -27.00 -10.15 -27.52
N PHE F 143 -27.56 -10.33 -26.32
CA PHE F 143 -27.17 -11.48 -25.50
C PHE F 143 -27.59 -12.80 -26.14
N THR F 144 -28.77 -12.83 -26.80
CA THR F 144 -29.23 -14.04 -27.48
C THR F 144 -28.28 -14.43 -28.62
N SER F 145 -27.84 -13.44 -29.41
CA SER F 145 -26.95 -13.71 -30.53
C SER F 145 -25.59 -14.23 -30.05
N ILE F 146 -25.03 -13.58 -29.02
CA ILE F 146 -23.70 -13.98 -28.53
C ILE F 146 -23.74 -15.37 -27.90
N PHE F 147 -24.78 -15.66 -27.11
CA PHE F 147 -24.90 -16.97 -26.48
C PHE F 147 -25.16 -18.07 -27.51
N THR F 148 -25.94 -17.76 -28.55
CA THR F 148 -26.18 -18.73 -29.62
C THR F 148 -24.90 -19.07 -30.38
N LEU F 149 -24.08 -18.05 -30.68
CA LEU F 149 -22.80 -18.30 -31.36
C LEU F 149 -21.85 -19.12 -30.50
N THR F 150 -21.81 -18.83 -29.19
CA THR F 150 -20.98 -19.60 -28.26
C THR F 150 -21.42 -21.06 -28.21
N MET F 151 -22.72 -21.31 -28.15
CA MET F 151 -23.21 -22.69 -28.15
C MET F 151 -22.96 -23.39 -29.49
N MET F 152 -22.96 -22.65 -30.61
CA MET F 152 -22.57 -23.24 -31.89
C MET F 152 -21.13 -23.74 -31.85
N CYS F 153 -20.23 -22.94 -31.30
CA CYS F 153 -18.83 -23.35 -31.20
C CYS F 153 -18.65 -24.52 -30.26
N VAL F 154 -19.40 -24.54 -29.14
CA VAL F 154 -19.36 -25.68 -28.21
C VAL F 154 -19.87 -26.95 -28.89
N ASP F 155 -20.92 -26.82 -29.71
CA ASP F 155 -21.45 -27.97 -30.44
C ASP F 155 -20.45 -28.53 -31.44
N ARG F 156 -19.74 -27.65 -32.14
CA ARG F 156 -18.70 -28.10 -33.06
C ARG F 156 -17.54 -28.78 -32.33
N TYR F 157 -17.16 -28.24 -31.16
CA TYR F 157 -16.13 -28.87 -30.34
C TYR F 157 -16.53 -30.27 -29.88
N ILE F 158 -17.76 -30.43 -29.40
CA ILE F 158 -18.24 -31.73 -28.96
C ILE F 158 -18.38 -32.69 -30.13
N ALA F 159 -18.75 -32.18 -31.30
CA ALA F 159 -18.85 -33.01 -32.49
C ALA F 159 -17.50 -33.57 -32.92
N VAL F 160 -16.47 -32.71 -32.99
CA VAL F 160 -15.18 -33.16 -33.48
C VAL F 160 -14.41 -33.95 -32.43
N CYS F 161 -14.20 -33.35 -31.24
CA CYS F 161 -13.27 -33.93 -30.27
C CYS F 161 -13.84 -35.14 -29.54
N HIS F 162 -15.15 -35.20 -29.33
CA HIS F 162 -15.80 -36.30 -28.60
C HIS F 162 -16.82 -36.97 -29.50
N PRO F 163 -16.38 -37.80 -30.45
CA PRO F 163 -17.33 -38.39 -31.42
C PRO F 163 -18.29 -39.40 -30.82
N VAL F 164 -17.84 -40.23 -29.88
CA VAL F 164 -18.72 -41.23 -29.25
C VAL F 164 -19.79 -40.53 -28.41
N LYS F 165 -19.39 -39.50 -27.65
CA LYS F 165 -20.35 -38.73 -26.87
C LYS F 165 -21.29 -37.92 -27.77
N ALA F 166 -20.82 -37.51 -28.96
CA ALA F 166 -21.62 -36.70 -29.87
C ALA F 166 -22.88 -37.42 -30.35
N LEU F 167 -22.84 -38.76 -30.45
CA LEU F 167 -24.01 -39.52 -30.86
C LEU F 167 -25.17 -39.34 -29.88
N ASP F 168 -24.88 -39.40 -28.58
CA ASP F 168 -25.91 -39.13 -27.58
C ASP F 168 -26.23 -37.65 -27.50
N PHE F 169 -25.20 -36.79 -27.48
CA PHE F 169 -25.40 -35.37 -27.20
C PHE F 169 -26.08 -34.64 -28.35
N ARG F 170 -25.71 -34.93 -29.59
CA ARG F 170 -26.21 -34.15 -30.72
C ARG F 170 -27.47 -34.81 -31.27
N THR F 171 -28.60 -34.18 -31.03
CA THR F 171 -29.93 -34.55 -31.49
C THR F 171 -30.69 -33.25 -31.72
N PRO F 172 -31.67 -33.23 -32.63
CA PRO F 172 -32.44 -31.98 -32.84
C PRO F 172 -33.24 -31.53 -31.63
N ALA F 173 -33.82 -32.47 -30.88
CA ALA F 173 -34.63 -32.12 -29.71
C ALA F 173 -33.81 -31.45 -28.62
N LYS F 174 -32.61 -31.97 -28.35
CA LYS F 174 -31.75 -31.36 -27.35
C LYS F 174 -31.24 -29.99 -27.79
N ALA F 175 -30.94 -29.83 -29.08
CA ALA F 175 -30.52 -28.53 -29.59
C ALA F 175 -31.64 -27.50 -29.49
N LYS F 176 -32.87 -27.92 -29.80
CA LYS F 176 -34.02 -27.03 -29.62
C LYS F 176 -34.25 -26.67 -28.16
N LEU F 177 -34.07 -27.64 -27.26
CA LEU F 177 -34.19 -27.37 -25.82
C LEU F 177 -33.14 -26.38 -25.34
N ILE F 178 -31.89 -26.53 -25.84
CA ILE F 178 -30.82 -25.61 -25.49
C ILE F 178 -31.11 -24.20 -26.00
N ASN F 179 -31.63 -24.09 -27.24
CA ASN F 179 -31.97 -22.78 -27.79
C ASN F 179 -33.11 -22.11 -27.03
N ILE F 180 -34.14 -22.89 -26.66
CA ILE F 180 -35.25 -22.35 -25.86
C ILE F 180 -34.75 -21.89 -24.49
N CYS F 181 -33.82 -22.64 -23.89
CA CYS F 181 -33.20 -22.22 -22.64
C CYS F 181 -32.41 -20.92 -22.81
N ILE F 182 -31.75 -20.75 -23.96
CA ILE F 182 -31.01 -19.52 -24.25
C ILE F 182 -31.94 -18.32 -24.30
N TRP F 183 -33.07 -18.46 -25.02
CA TRP F 183 -34.04 -17.36 -25.10
C TRP F 183 -34.68 -17.05 -23.74
N VAL F 184 -35.02 -18.09 -22.97
CA VAL F 184 -35.64 -17.90 -21.65
C VAL F 184 -34.67 -17.24 -20.68
N LEU F 185 -33.40 -17.67 -20.68
CA LEU F 185 -32.40 -17.01 -19.83
C LEU F 185 -32.09 -15.59 -20.28
N ALA F 186 -32.15 -15.32 -21.60
CA ALA F 186 -31.98 -13.96 -22.08
C ALA F 186 -33.13 -13.05 -21.67
N SER F 187 -34.33 -13.61 -21.47
CA SER F 187 -35.44 -12.82 -20.93
C SER F 187 -35.14 -12.29 -19.53
N GLY F 188 -34.40 -13.05 -18.74
CA GLY F 188 -33.96 -12.57 -17.43
C GLY F 188 -33.06 -11.36 -17.51
N VAL F 189 -32.22 -11.28 -18.54
CA VAL F 189 -31.46 -10.07 -18.82
C VAL F 189 -32.38 -8.96 -19.30
N GLY F 190 -33.36 -9.32 -20.14
CA GLY F 190 -34.21 -8.32 -20.79
C GLY F 190 -35.12 -7.55 -19.85
N VAL F 191 -35.62 -8.22 -18.79
CA VAL F 191 -36.63 -7.58 -17.91
C VAL F 191 -36.12 -6.34 -17.15
N PRO F 192 -34.94 -6.35 -16.48
CA PRO F 192 -34.51 -5.12 -15.79
C PRO F 192 -34.25 -3.93 -16.69
N ILE F 193 -33.78 -4.14 -17.92
CA ILE F 193 -33.62 -3.05 -18.89
C ILE F 193 -34.97 -2.41 -19.18
N MET F 194 -36.02 -3.22 -19.28
CA MET F 194 -37.37 -2.70 -19.45
C MET F 194 -37.83 -1.92 -18.22
N VAL F 195 -37.52 -2.43 -17.02
CA VAL F 195 -37.93 -1.75 -15.79
C VAL F 195 -37.19 -0.43 -15.60
N MET F 196 -35.87 -0.42 -15.81
CA MET F 196 -35.07 0.77 -15.53
C MET F 196 -35.31 1.92 -16.51
N ALA F 197 -35.65 1.61 -17.77
CA ALA F 197 -35.76 2.62 -18.81
C ALA F 197 -36.86 3.64 -18.53
N VAL F 198 -36.50 4.93 -18.65
CA VAL F 198 -37.42 6.04 -18.42
C VAL F 198 -37.14 7.13 -19.44
N THR F 199 -38.12 8.00 -19.62
CA THR F 199 -38.03 9.15 -20.52
C THR F 199 -38.04 10.45 -19.72
N ARG F 200 -37.03 11.29 -19.93
CA ARG F 200 -36.93 12.57 -19.25
C ARG F 200 -36.54 13.67 -20.23
N PRO F 201 -37.01 14.91 -19.99
CA PRO F 201 -36.60 16.04 -20.84
C PRO F 201 -35.34 16.73 -20.35
N ARG F 202 -34.32 16.84 -21.21
CA ARG F 202 -33.05 17.44 -20.83
C ARG F 202 -32.63 18.49 -21.83
N ASP F 203 -32.44 19.73 -21.34
CA ASP F 203 -31.96 20.89 -22.10
C ASP F 203 -32.88 21.22 -23.28
N GLY F 204 -34.18 21.15 -23.05
CA GLY F 204 -35.15 21.43 -24.09
C GLY F 204 -35.36 20.32 -25.09
N ALA F 205 -34.79 19.14 -24.84
CA ALA F 205 -34.92 18.00 -25.72
C ALA F 205 -35.24 16.77 -24.89
N VAL F 206 -35.86 15.79 -25.54
CA VAL F 206 -36.30 14.57 -24.87
C VAL F 206 -35.35 13.43 -25.24
N VAL F 207 -34.81 12.75 -24.23
CA VAL F 207 -33.82 11.70 -24.41
C VAL F 207 -34.31 10.40 -23.80
N CYS F 208 -34.14 9.30 -24.55
CA CYS F 208 -34.38 7.95 -24.06
C CYS F 208 -33.10 7.42 -23.39
N MET F 209 -33.24 6.93 -22.16
CA MET F 209 -32.07 6.49 -21.39
C MET F 209 -32.50 5.54 -20.29
N LEU F 210 -31.51 4.96 -19.61
CA LEU F 210 -31.71 4.05 -18.48
C LEU F 210 -31.44 4.78 -17.18
N GLN F 211 -32.35 4.63 -16.21
CA GLN F 211 -32.24 5.25 -14.90
C GLN F 211 -31.66 4.26 -13.89
N PHE F 212 -30.50 4.58 -13.35
CA PHE F 212 -29.85 3.75 -12.35
C PHE F 212 -30.10 4.32 -10.96
N PRO F 213 -30.06 3.49 -9.91
CA PRO F 213 -30.14 4.02 -8.55
C PRO F 213 -28.86 4.75 -8.17
N SER F 214 -28.99 5.60 -7.14
CA SER F 214 -27.86 6.41 -6.70
C SER F 214 -26.77 5.53 -6.07
N PRO F 215 -25.49 5.82 -6.33
CA PRO F 215 -24.93 6.71 -7.38
C PRO F 215 -25.12 6.14 -8.78
N SER F 216 -25.64 6.97 -9.69
CA SER F 216 -25.97 6.53 -11.05
C SER F 216 -24.71 6.17 -11.84
N TRP F 217 -23.65 6.96 -11.70
CA TRP F 217 -22.41 6.71 -12.41
C TRP F 217 -21.78 5.38 -11.98
N TYR F 218 -21.87 5.05 -10.69
CA TYR F 218 -21.26 3.82 -10.18
C TYR F 218 -21.96 2.58 -10.70
N TRP F 219 -23.29 2.54 -10.60
CA TRP F 219 -24.02 1.37 -11.09
C TRP F 219 -23.99 1.29 -12.61
N ASP F 220 -23.95 2.45 -13.28
CA ASP F 220 -23.76 2.46 -14.73
C ASP F 220 -22.42 1.86 -15.11
N THR F 221 -21.35 2.22 -14.39
CA THR F 221 -20.02 1.70 -14.66
C THR F 221 -19.94 0.20 -14.40
N VAL F 222 -20.48 -0.25 -13.26
CA VAL F 222 -20.55 -1.67 -12.94
C VAL F 222 -21.34 -2.45 -13.99
N THR F 223 -22.44 -1.85 -14.49
CA THR F 223 -23.24 -2.48 -15.55
C THR F 223 -22.44 -2.63 -16.84
N LYS F 224 -21.69 -1.57 -17.22
CA LYS F 224 -20.87 -1.66 -18.42
C LYS F 224 -19.75 -2.69 -18.29
N ILE F 225 -19.11 -2.76 -17.12
CA ILE F 225 -18.06 -3.75 -16.89
C ILE F 225 -18.61 -5.18 -16.92
N CYS F 226 -19.79 -5.40 -16.32
CA CYS F 226 -20.40 -6.74 -16.33
C CYS F 226 -20.83 -7.15 -17.74
N VAL F 227 -21.41 -6.21 -18.51
CA VAL F 227 -21.78 -6.51 -19.89
C VAL F 227 -20.55 -6.80 -20.72
N PHE F 228 -19.47 -6.02 -20.51
CA PHE F 228 -18.20 -6.24 -21.21
C PHE F 228 -17.63 -7.62 -20.91
N LEU F 229 -17.60 -8.00 -19.63
CA LEU F 229 -17.05 -9.28 -19.21
C LEU F 229 -17.85 -10.45 -19.77
N PHE F 230 -19.14 -10.50 -19.46
CA PHE F 230 -19.94 -11.67 -19.81
C PHE F 230 -20.26 -11.75 -21.31
N ALA F 231 -20.32 -10.62 -22.01
CA ALA F 231 -20.60 -10.65 -23.44
C ALA F 231 -19.35 -10.65 -24.31
N PHE F 232 -18.17 -10.38 -23.77
CA PHE F 232 -16.97 -10.32 -24.58
C PHE F 232 -15.91 -11.33 -24.16
N VAL F 233 -15.51 -11.33 -22.89
CA VAL F 233 -14.32 -12.08 -22.49
C VAL F 233 -14.60 -13.57 -22.41
N VAL F 234 -15.69 -13.95 -21.73
CA VAL F 234 -16.02 -15.37 -21.58
C VAL F 234 -16.36 -16.05 -22.91
N PRO F 235 -17.17 -15.47 -23.83
CA PRO F 235 -17.36 -16.18 -25.13
C PRO F 235 -16.10 -16.29 -25.97
N ILE F 236 -15.23 -15.28 -25.98
CA ILE F 236 -13.96 -15.38 -26.70
C ILE F 236 -13.10 -16.50 -26.12
N LEU F 237 -13.09 -16.63 -24.79
CA LEU F 237 -12.35 -17.70 -24.13
C LEU F 237 -12.88 -19.08 -24.53
N ILE F 238 -14.20 -19.26 -24.48
CA ILE F 238 -14.80 -20.55 -24.80
C ILE F 238 -14.59 -20.91 -26.26
N ILE F 239 -14.79 -19.95 -27.17
CA ILE F 239 -14.65 -20.19 -28.60
C ILE F 239 -13.19 -20.47 -28.95
N THR F 240 -12.26 -19.67 -28.43
CA THR F 240 -10.84 -19.84 -28.71
C THR F 240 -10.32 -21.18 -28.19
N VAL F 241 -10.71 -21.58 -26.98
CA VAL F 241 -10.24 -22.86 -26.43
C VAL F 241 -10.83 -24.03 -27.21
N CYS F 242 -12.14 -23.97 -27.52
CA CYS F 242 -12.78 -25.05 -28.26
C CYS F 242 -12.22 -25.20 -29.67
N TYR F 243 -12.04 -24.07 -30.38
CA TYR F 243 -11.48 -24.12 -31.72
C TYR F 243 -10.00 -24.53 -31.72
N GLY F 244 -9.24 -24.11 -30.71
CA GLY F 244 -7.85 -24.53 -30.62
C GLY F 244 -7.70 -26.02 -30.39
N LEU F 245 -8.50 -26.58 -29.48
CA LEU F 245 -8.47 -28.02 -29.25
C LEU F 245 -8.99 -28.79 -30.46
N MET F 246 -9.98 -28.22 -31.16
CA MET F 246 -10.49 -28.81 -32.39
C MET F 246 -9.42 -28.87 -33.48
N LEU F 247 -8.68 -27.76 -33.67
CA LEU F 247 -7.62 -27.74 -34.67
C LEU F 247 -6.46 -28.66 -34.29
N LEU F 248 -6.16 -28.77 -32.99
CA LEU F 248 -5.15 -29.73 -32.56
C LEU F 248 -5.59 -31.17 -32.81
N ARG F 249 -6.89 -31.44 -32.66
CA ARG F 249 -7.41 -32.78 -32.92
C ARG F 249 -7.40 -33.11 -34.41
N LEU F 250 -7.71 -32.12 -35.27
CA LEU F 250 -7.90 -32.37 -36.71
C LEU F 250 -6.63 -32.86 -37.42
N ARG F 251 -5.44 -32.52 -36.91
CA ARG F 251 -4.20 -32.90 -37.58
C ARG F 251 -4.00 -34.42 -37.60
N SER F 252 -4.56 -35.14 -36.62
CA SER F 252 -4.41 -36.59 -36.55
C SER F 252 -5.16 -37.30 -37.67
N VAL F 253 -6.23 -36.68 -38.18
CA VAL F 253 -7.09 -37.30 -39.19
C VAL F 253 -6.29 -37.55 -40.47
N ARG F 254 -6.42 -38.77 -41.00
CA ARG F 254 -5.68 -39.18 -42.19
C ARG F 254 -6.11 -38.40 -43.43
N LEU F 255 -7.40 -38.10 -43.55
CA LEU F 255 -7.91 -37.37 -44.70
C LEU F 255 -7.42 -35.93 -44.75
N LEU F 256 -7.08 -35.33 -43.61
CA LEU F 256 -6.63 -33.94 -43.60
C LEU F 256 -5.11 -33.79 -43.69
N SER F 257 -4.36 -34.88 -43.77
CA SER F 257 -2.90 -34.79 -43.75
C SER F 257 -2.29 -35.76 -44.75
N GLY F 258 -1.03 -35.50 -45.10
CA GLY F 258 -0.25 -36.39 -45.94
C GLY F 258 -0.28 -36.10 -47.43
N SER F 259 -1.04 -35.10 -47.88
CA SER F 259 -1.06 -34.74 -49.29
C SER F 259 -1.23 -33.23 -49.43
N LYS F 260 -0.85 -32.71 -50.59
CA LYS F 260 -0.94 -31.27 -50.85
C LYS F 260 -2.38 -30.80 -50.87
N GLU F 261 -3.27 -31.53 -51.54
CA GLU F 261 -4.69 -31.19 -51.57
C GLU F 261 -5.32 -31.30 -50.18
N LYS F 262 -4.90 -32.31 -49.41
CA LYS F 262 -5.39 -32.47 -48.05
C LYS F 262 -4.91 -31.33 -47.15
N ASP F 263 -3.68 -30.86 -47.36
CA ASP F 263 -3.18 -29.70 -46.64
C ASP F 263 -3.93 -28.44 -47.03
N ARG F 264 -4.31 -28.30 -48.32
CA ARG F 264 -5.12 -27.17 -48.74
C ARG F 264 -6.51 -27.20 -48.10
N SER F 265 -7.10 -28.40 -47.99
CA SER F 265 -8.38 -28.54 -47.30
C SER F 265 -8.26 -28.17 -45.82
N LEU F 266 -7.15 -28.56 -45.19
CA LEU F 266 -6.91 -28.17 -43.80
C LEU F 266 -6.73 -26.66 -43.67
N ARG F 267 -6.09 -26.02 -44.66
CA ARG F 267 -5.98 -24.56 -44.69
C ARG F 267 -7.36 -23.91 -44.79
N ARG F 268 -8.23 -24.48 -45.62
CA ARG F 268 -9.59 -23.97 -45.78
C ARG F 268 -10.38 -24.07 -44.48
N ILE F 269 -10.29 -25.22 -43.81
CA ILE F 269 -10.99 -25.42 -42.54
C ILE F 269 -10.45 -24.46 -41.47
N THR F 270 -9.12 -24.27 -41.44
CA THR F 270 -8.50 -23.36 -40.47
C THR F 270 -8.93 -21.91 -40.71
N ARG F 271 -8.98 -21.48 -41.96
CA ARG F 271 -9.41 -20.12 -42.28
C ARG F 271 -10.88 -19.90 -41.91
N MET F 272 -11.74 -20.86 -42.26
CA MET F 272 -13.17 -20.76 -41.94
C MET F 272 -13.40 -20.73 -40.43
N VAL F 273 -12.58 -21.48 -39.68
CA VAL F 273 -12.69 -21.46 -38.22
C VAL F 273 -12.25 -20.11 -37.66
N LEU F 274 -11.10 -19.60 -38.09
CA LEU F 274 -10.53 -18.39 -37.47
C LEU F 274 -11.25 -17.10 -37.87
N VAL F 275 -11.94 -17.06 -39.03
CA VAL F 275 -12.67 -15.86 -39.45
C VAL F 275 -13.72 -15.44 -38.42
N VAL F 276 -14.34 -16.43 -37.75
CA VAL F 276 -15.36 -16.14 -36.72
C VAL F 276 -14.76 -15.37 -35.55
N VAL F 277 -13.60 -15.84 -35.06
CA VAL F 277 -12.92 -15.21 -33.93
C VAL F 277 -12.44 -13.81 -34.30
N VAL F 278 -11.85 -13.68 -35.50
CA VAL F 278 -11.32 -12.39 -35.95
C VAL F 278 -12.43 -11.36 -36.11
N ALA F 279 -13.55 -11.77 -36.73
CA ALA F 279 -14.68 -10.86 -36.92
C ALA F 279 -15.31 -10.46 -35.59
N PHE F 280 -15.42 -11.43 -34.66
CA PHE F 280 -16.02 -11.16 -33.36
C PHE F 280 -15.19 -10.13 -32.57
N VAL F 281 -13.86 -10.31 -32.56
CA VAL F 281 -12.99 -9.39 -31.83
C VAL F 281 -13.00 -8.00 -32.46
N VAL F 282 -12.82 -7.94 -33.80
CA VAL F 282 -12.72 -6.67 -34.53
C VAL F 282 -14.00 -5.87 -34.39
N CYS F 283 -15.16 -6.52 -34.47
CA CYS F 283 -16.40 -5.78 -34.36
C CYS F 283 -16.72 -5.38 -32.91
N TRP F 284 -16.60 -6.31 -31.95
CA TRP F 284 -17.08 -5.98 -30.61
C TRP F 284 -16.14 -5.10 -29.79
N ALA F 285 -14.81 -5.20 -29.95
CA ALA F 285 -13.91 -4.45 -29.07
C ALA F 285 -14.02 -2.91 -29.09
N PRO F 286 -14.13 -2.22 -30.25
CA PRO F 286 -14.19 -0.74 -30.18
C PRO F 286 -15.42 -0.16 -29.49
N ILE F 287 -16.60 -0.74 -29.69
CA ILE F 287 -17.80 -0.19 -29.06
C ILE F 287 -17.75 -0.38 -27.53
N HIS F 288 -17.25 -1.52 -27.05
CA HIS F 288 -17.11 -1.74 -25.61
C HIS F 288 -16.10 -0.78 -25.01
N ILE F 289 -14.94 -0.61 -25.66
CA ILE F 289 -13.91 0.29 -25.14
C ILE F 289 -14.40 1.74 -25.15
N PHE F 290 -15.05 2.16 -26.24
CA PHE F 290 -15.51 3.54 -26.35
C PHE F 290 -16.63 3.84 -25.35
N VAL F 291 -17.54 2.90 -25.14
CA VAL F 291 -18.62 3.09 -24.17
C VAL F 291 -18.06 3.16 -22.74
N ILE F 292 -17.07 2.32 -22.40
CA ILE F 292 -16.45 2.40 -21.07
C ILE F 292 -15.74 3.74 -20.87
N VAL F 293 -15.01 4.20 -21.89
CA VAL F 293 -14.34 5.51 -21.83
C VAL F 293 -15.37 6.64 -21.73
N TRP F 294 -16.49 6.51 -22.46
CA TRP F 294 -17.57 7.49 -22.41
C TRP F 294 -18.16 7.57 -21.01
N THR F 295 -18.35 6.43 -20.37
CA THR F 295 -18.91 6.38 -19.02
C THR F 295 -17.96 7.02 -18.01
N LEU F 296 -16.65 6.77 -18.16
CA LEU F 296 -15.68 7.34 -17.23
C LEU F 296 -15.52 8.85 -17.40
N VAL F 297 -15.34 9.32 -18.63
CA VAL F 297 -15.12 10.74 -18.88
C VAL F 297 -16.47 11.48 -18.83
N ASP F 298 -16.44 12.77 -18.51
CA ASP F 298 -17.64 13.58 -18.31
C ASP F 298 -17.92 14.55 -19.45
N ILE F 299 -17.20 14.47 -20.57
CA ILE F 299 -17.22 15.53 -21.58
C ILE F 299 -18.57 15.57 -22.30
N ASP F 300 -18.94 16.78 -22.74
CA ASP F 300 -20.20 17.03 -23.44
C ASP F 300 -20.23 16.35 -24.80
N ARG F 301 -21.41 15.89 -25.19
CA ARG F 301 -21.66 15.21 -26.45
C ARG F 301 -21.98 16.17 -27.60
N ARG F 302 -21.80 17.48 -27.39
CA ARG F 302 -22.10 18.49 -28.41
C ARG F 302 -21.22 18.33 -29.65
N ASP F 303 -19.97 17.89 -29.46
CA ASP F 303 -19.01 17.76 -30.57
C ASP F 303 -19.48 16.72 -31.57
N PRO F 304 -19.49 17.03 -32.87
CA PRO F 304 -20.01 16.08 -33.87
C PRO F 304 -19.11 14.89 -34.13
N LEU F 305 -17.78 15.08 -34.12
CA LEU F 305 -16.84 14.04 -34.52
C LEU F 305 -16.86 12.84 -33.57
N VAL F 306 -16.92 13.10 -32.26
CA VAL F 306 -16.95 12.04 -31.26
C VAL F 306 -18.25 11.23 -31.37
N VAL F 307 -19.37 11.91 -31.62
CA VAL F 307 -20.65 11.24 -31.84
C VAL F 307 -20.62 10.42 -33.12
N ALA F 308 -19.97 10.94 -34.17
CA ALA F 308 -19.84 10.20 -35.43
C ALA F 308 -19.02 8.92 -35.25
N ALA F 309 -17.91 9.00 -34.50
CA ALA F 309 -17.12 7.81 -34.20
C ALA F 309 -17.90 6.82 -33.36
N LEU F 310 -18.72 7.32 -32.42
CA LEU F 310 -19.59 6.47 -31.63
C LEU F 310 -20.62 5.74 -32.50
N HIS F 311 -21.23 6.45 -33.45
CA HIS F 311 -22.16 5.82 -34.38
C HIS F 311 -21.47 4.81 -35.29
N LEU F 312 -20.21 5.06 -35.66
CA LEU F 312 -19.45 4.07 -36.43
C LEU F 312 -19.23 2.79 -35.61
N CYS F 313 -18.92 2.94 -34.32
CA CYS F 313 -18.75 1.76 -33.46
C CYS F 313 -20.06 1.01 -33.26
N ILE F 314 -21.16 1.74 -33.09
CA ILE F 314 -22.49 1.12 -32.99
C ILE F 314 -22.85 0.40 -34.29
N ALA F 315 -22.48 1.00 -35.43
CA ALA F 315 -22.71 0.38 -36.73
C ALA F 315 -21.91 -0.91 -36.89
N LEU F 316 -20.66 -0.93 -36.40
CA LEU F 316 -19.87 -2.16 -36.43
C LEU F 316 -20.49 -3.26 -35.56
N GLY F 317 -21.00 -2.88 -34.38
CA GLY F 317 -21.68 -3.85 -33.54
C GLY F 317 -22.94 -4.42 -34.15
N TYR F 318 -23.75 -3.57 -34.78
CA TYR F 318 -24.93 -4.06 -35.50
C TYR F 318 -24.57 -4.86 -36.75
N ILE F 319 -23.45 -4.54 -37.41
CA ILE F 319 -22.97 -5.36 -38.52
C ILE F 319 -22.64 -6.77 -38.05
N ASN F 320 -21.98 -6.90 -36.89
CA ASN F 320 -21.71 -8.24 -36.35
C ASN F 320 -23.00 -8.94 -35.92
N SER F 321 -23.95 -8.18 -35.38
CA SER F 321 -25.22 -8.77 -34.95
C SER F 321 -26.03 -9.29 -36.13
N SER F 322 -26.06 -8.55 -37.25
CA SER F 322 -26.97 -8.86 -38.34
C SER F 322 -26.30 -9.53 -39.55
N LEU F 323 -25.23 -8.93 -40.08
CA LEU F 323 -24.66 -9.41 -41.34
C LEU F 323 -23.90 -10.73 -41.17
N ASN F 324 -23.16 -10.86 -40.07
CA ASN F 324 -22.35 -12.07 -39.86
C ASN F 324 -23.12 -13.39 -39.75
N PRO F 325 -24.34 -13.48 -39.19
CA PRO F 325 -25.10 -14.76 -39.36
C PRO F 325 -25.35 -15.14 -40.81
N VAL F 326 -25.63 -14.15 -41.67
CA VAL F 326 -25.79 -14.41 -43.11
C VAL F 326 -24.49 -14.93 -43.72
N LEU F 327 -23.36 -14.34 -43.32
CA LEU F 327 -22.05 -14.78 -43.80
C LEU F 327 -21.73 -16.20 -43.31
N TYR F 328 -22.08 -16.49 -42.05
CA TYR F 328 -21.89 -17.84 -41.51
C TYR F 328 -22.74 -18.86 -42.25
N ALA F 329 -23.95 -18.45 -42.64
CA ALA F 329 -24.80 -19.31 -43.47
C ALA F 329 -24.19 -19.56 -44.85
N PHE F 330 -23.62 -18.51 -45.45
CA PHE F 330 -22.97 -18.69 -46.76
C PHE F 330 -21.70 -19.53 -46.68
N LEU F 331 -20.98 -19.49 -45.55
CA LEU F 331 -19.81 -20.33 -45.38
C LEU F 331 -20.13 -21.82 -45.39
N ASP F 332 -21.35 -22.20 -44.98
CA ASP F 332 -21.78 -23.59 -44.95
C ASP F 332 -21.78 -24.19 -46.36
N GLU F 333 -21.19 -25.39 -46.48
CA GLU F 333 -21.14 -26.08 -47.77
C GLU F 333 -22.51 -26.56 -48.22
N ASN F 334 -23.33 -27.06 -47.27
CA ASN F 334 -24.67 -27.55 -47.60
C ASN F 334 -25.57 -26.41 -48.09
N PHE F 335 -25.43 -25.23 -47.50
CA PHE F 335 -26.19 -24.06 -47.93
C PHE F 335 -25.81 -23.65 -49.35
N LYS F 336 -24.53 -23.77 -49.70
CA LYS F 336 -24.10 -23.59 -51.08
C LYS F 336 -24.67 -24.69 -51.99
N ARG F 337 -24.73 -25.93 -51.46
CA ARG F 337 -25.18 -27.08 -52.24
C ARG F 337 -26.65 -26.96 -52.62
N CYS F 338 -27.46 -26.40 -51.72
CA CYS F 338 -28.89 -26.22 -52.00
C CYS F 338 -29.12 -25.26 -53.16
N PHE F 339 -28.41 -24.12 -53.17
CA PHE F 339 -28.50 -23.18 -54.28
C PHE F 339 -27.90 -23.75 -55.56
N ARG F 340 -26.81 -24.53 -55.44
CA ARG F 340 -26.20 -25.16 -56.61
C ARG F 340 -27.14 -26.18 -57.24
N GLN F 341 -27.84 -26.96 -56.42
CA GLN F 341 -28.83 -27.90 -56.93
C GLN F 341 -30.03 -27.16 -57.52
N LEU F 342 -30.46 -26.07 -56.89
CA LEU F 342 -31.57 -25.28 -57.41
C LEU F 342 -31.20 -24.61 -58.74
N CYS F 343 -29.98 -24.11 -58.85
CA CYS F 343 -29.53 -23.46 -60.08
C CYS F 343 -28.92 -24.48 -61.05
N TYR G 1 -26.30 -1.78 -29.63
CA TYR G 1 -25.76 -1.52 -28.31
C TYR G 1 -25.04 -0.17 -28.26
N PHE G 3 -27.27 2.94 -27.51
CA PHE G 3 -28.30 3.96 -27.72
C PHE G 3 -28.42 4.86 -26.49
N GLU G 4 -28.12 4.28 -25.32
CA GLU G 4 -28.19 5.01 -24.06
C GLU G 4 -27.14 6.11 -23.94
N VAL G 5 -26.02 6.02 -24.65
CA VAL G 5 -25.01 7.06 -24.54
C VAL G 5 -25.18 8.17 -25.57
N VAL G 6 -25.73 7.88 -26.74
CA VAL G 6 -26.06 8.94 -27.70
C VAL G 6 -27.27 9.74 -27.22
N GLY G 7 -28.07 9.15 -26.33
CA GLY G 7 -29.24 9.81 -25.79
C GLY G 7 -30.48 9.09 -26.24
N PHE H 336 -11.31 -49.51 -34.40
CA PHE H 336 -11.88 -48.47 -33.55
C PHE H 336 -11.41 -47.10 -34.00
N ASP H 337 -10.11 -46.98 -34.27
CA ASP H 337 -9.53 -45.70 -34.70
C ASP H 337 -10.05 -45.29 -36.08
N ALA H 338 -10.15 -46.25 -37.00
CA ALA H 338 -10.69 -45.97 -38.34
C ALA H 338 -12.16 -45.59 -38.28
N VAL H 339 -12.93 -46.27 -37.42
CA VAL H 339 -14.34 -45.95 -37.24
C VAL H 339 -14.49 -44.56 -36.62
N THR H 340 -13.59 -44.21 -35.69
CA THR H 340 -13.58 -42.88 -35.10
C THR H 340 -13.27 -41.81 -36.15
N ASP H 341 -12.33 -42.10 -37.04
CA ASP H 341 -12.02 -41.17 -38.14
C ASP H 341 -13.19 -41.00 -39.09
N VAL H 342 -13.91 -42.08 -39.37
CA VAL H 342 -15.10 -42.01 -40.23
C VAL H 342 -16.19 -41.19 -39.57
N ILE H 343 -16.39 -41.35 -38.26
CA ILE H 343 -17.40 -40.58 -37.53
C ILE H 343 -17.02 -39.09 -37.48
N ILE H 344 -15.73 -38.79 -37.30
CA ILE H 344 -15.27 -37.40 -37.32
C ILE H 344 -15.46 -36.79 -38.70
N LYS H 345 -15.21 -37.58 -39.76
CA LYS H 345 -15.47 -37.13 -41.13
C LYS H 345 -16.95 -36.84 -41.37
N ASN H 346 -17.83 -37.72 -40.88
CA ASN H 346 -19.26 -37.52 -41.03
C ASN H 346 -19.74 -36.31 -40.24
N ASN H 347 -19.19 -36.08 -39.05
CA ASN H 347 -19.55 -34.91 -38.25
C ASN H 347 -19.07 -33.62 -38.91
N LEU H 348 -17.88 -33.64 -39.52
CA LEU H 348 -17.40 -32.48 -40.25
C LEU H 348 -18.27 -32.18 -41.47
N LYS H 349 -18.71 -33.23 -42.18
CA LYS H 349 -19.65 -33.02 -43.29
C LYS H 349 -21.00 -32.51 -42.80
N ASP H 350 -21.47 -33.01 -41.65
CA ASP H 350 -22.74 -32.58 -41.09
C ASP H 350 -22.69 -31.12 -40.65
N CYS H 351 -21.59 -30.69 -40.02
CA CYS H 351 -21.42 -29.29 -39.65
C CYS H 351 -21.25 -28.41 -40.88
N GLY H 352 -20.66 -28.94 -41.95
CA GLY H 352 -20.47 -28.18 -43.17
C GLY H 352 -19.12 -27.53 -43.35
N LEU H 353 -18.20 -27.69 -42.39
CA LEU H 353 -16.85 -27.16 -42.59
C LEU H 353 -16.10 -27.96 -43.65
N PHE H 354 -16.31 -29.27 -43.70
CA PHE H 354 -15.64 -30.11 -44.69
C PHE H 354 -16.65 -30.69 -45.68
#